data_5M8W
#
_entry.id   5M8W
#
_cell.length_a   73.322
_cell.length_b   73.322
_cell.length_c   184.370
_cell.angle_alpha   90.00
_cell.angle_beta   90.00
_cell.angle_gamma   90.00
#
_symmetry.space_group_name_H-M   'P 41'
#
loop_
_entity.id
_entity.type
_entity.pdbx_description
1 polymer 'Tetrachloroethene reductive dehalogenase catalytically active subunit'
2 non-polymer 'IRON/SULFUR CLUSTER'
3 non-polymer NORPSEUDO-B12
4 non-polymer BENZAMIDINE
5 non-polymer GLYCEROL
6 non-polymer 4-chlorophenol
7 water water
#
_entity_poly.entity_id   1
_entity_poly.type   'polypeptide(L)'
_entity_poly.pdbx_seq_one_letter_code
;AEKEKNAAEIRQQFAMTAGSPIIVNDKLERYAEVRTAFTHPTSFFKPNYKGEVKPWFLSAYDEKVRQIENGENGPKMKAK
NVGEARAGRALEAAGWTLDINYGNIYPNRFFMLWSGETMTNTQLWAPVGLDRRPPDTTDPVELTNYVKFAARMAGADLVG
VARLNRNWVYSEAVTIPADVPYEQSLHKEIEKPIVFKDVPLPIETDDELIIPNTCENVIVAGIAMNREMMQTAPNSMACA
TTAFCYSRMCMFDMWLCQFIRYMGYYAIPSCNGVGQSVAFAVEAGLGQASRMGACITPEFGPNVRLTKVFTNMPLVPDKP
IDFGVTEFCETCKKCARECPSKAITEGPRTFEGRSIHNQSGKLQWQNDYNKCLGYWPESGGYCGVCVAVCPFTKGNIWIH
DGVEWLIDNTRFLDPLMLGMDDALGYGAKRNITEVWDGKINTYGLDADHFRDTVSFRKDRVKKS
;
_entity_poly.pdbx_strand_id   A,B
#
loop_
_chem_comp.id
_chem_comp.type
_chem_comp.name
_chem_comp.formula
4CH non-polymer 4-chlorophenol 'C6 H5 Cl O'
BEN non-polymer BENZAMIDINE 'C7 H8 N2'
BVQ non-polymer NORPSEUDO-B12 'C57 H82 Co N16 O14 P 5'
GOL non-polymer GLYCEROL 'C3 H8 O3'
SF4 non-polymer 'IRON/SULFUR CLUSTER' 'Fe4 S4'
#
# COMPACT_ATOMS: atom_id res chain seq x y z
N LYS A 3 5.57 28.89 -17.26
CA LYS A 3 4.79 27.76 -17.77
C LYS A 3 4.74 26.60 -16.76
N GLU A 4 3.53 26.15 -16.46
CA GLU A 4 3.33 25.15 -15.42
C GLU A 4 3.89 23.79 -15.86
N LYS A 5 4.59 23.13 -14.94
CA LYS A 5 5.32 21.92 -15.29
C LYS A 5 4.39 20.83 -15.81
N ASN A 6 4.78 20.20 -16.91
CA ASN A 6 3.93 19.24 -17.62
C ASN A 6 4.70 17.96 -17.90
N ALA A 7 4.52 16.96 -17.03
CA ALA A 7 5.24 15.70 -17.18
C ALA A 7 4.86 14.97 -18.45
N ALA A 8 3.59 15.06 -18.88
CA ALA A 8 3.19 14.39 -20.11
C ALA A 8 3.86 15.04 -21.32
N GLU A 9 3.93 16.37 -21.32
CA GLU A 9 4.67 17.06 -22.37
C GLU A 9 6.13 16.61 -22.39
N ILE A 10 6.74 16.56 -21.19
CA ILE A 10 8.16 16.24 -21.09
C ILE A 10 8.44 14.86 -21.68
N ARG A 11 7.63 13.86 -21.31
CA ARG A 11 7.84 12.50 -21.79
C ARG A 11 7.59 12.39 -23.28
N GLN A 12 6.62 13.14 -23.81
CA GLN A 12 6.40 13.14 -25.26
C GLN A 12 7.58 13.77 -26.00
N GLN A 13 8.14 14.86 -25.45
CA GLN A 13 9.24 15.55 -26.11
C GLN A 13 10.48 14.67 -26.25
N PHE A 14 10.73 13.83 -25.26
CA PHE A 14 11.94 13.04 -25.23
C PHE A 14 11.72 11.56 -25.58
N ALA A 15 10.53 11.21 -26.06
CA ALA A 15 10.30 9.83 -26.48
C ALA A 15 11.22 9.50 -27.65
N MET A 16 11.75 8.27 -27.64
N MET A 16 11.70 8.27 -27.68
CA MET A 16 12.58 7.72 -28.71
CA MET A 16 12.53 7.79 -28.79
C MET A 16 11.72 6.87 -29.64
C MET A 16 11.80 6.70 -29.55
N THR A 17 12.35 6.34 -30.70
CA THR A 17 11.71 5.33 -31.53
C THR A 17 11.97 3.94 -30.95
N ALA A 18 11.08 3.01 -31.27
CA ALA A 18 11.06 1.69 -30.65
C ALA A 18 12.43 1.02 -30.71
N GLY A 19 12.68 0.14 -29.76
CA GLY A 19 13.93 -0.61 -29.70
C GLY A 19 14.57 -0.51 -28.33
N SER A 20 15.05 -1.63 -27.80
CA SER A 20 15.74 -1.60 -26.52
C SER A 20 16.93 -0.65 -26.61
N PRO A 21 17.04 0.35 -25.73
CA PRO A 21 18.16 1.29 -25.84
C PRO A 21 19.44 0.74 -25.25
N ILE A 22 19.43 -0.43 -24.63
CA ILE A 22 20.60 -0.96 -23.94
C ILE A 22 21.52 -1.61 -24.96
N ILE A 23 22.74 -1.11 -25.05
CA ILE A 23 23.73 -1.56 -26.02
C ILE A 23 24.45 -2.76 -25.44
N VAL A 24 24.52 -3.84 -26.22
CA VAL A 24 25.07 -5.11 -25.75
C VAL A 24 26.02 -5.67 -26.80
N ASN A 25 26.87 -6.60 -26.37
CA ASN A 25 27.76 -7.29 -27.29
C ASN A 25 27.66 -8.79 -27.04
N ASP A 26 28.53 -9.60 -27.63
CA ASP A 26 28.32 -11.05 -27.58
C ASP A 26 28.80 -11.69 -26.29
N LYS A 27 29.54 -10.95 -25.46
CA LYS A 27 29.86 -11.40 -24.11
C LYS A 27 28.63 -11.52 -23.20
N LEU A 28 27.47 -11.01 -23.62
CA LEU A 28 26.31 -10.97 -22.76
C LEU A 28 25.71 -12.37 -22.59
N GLU A 29 25.48 -12.75 -21.35
CA GLU A 29 24.68 -13.92 -21.03
C GLU A 29 23.91 -13.62 -19.75
N ARG A 30 22.84 -14.37 -19.54
CA ARG A 30 21.98 -14.16 -18.39
C ARG A 30 22.77 -14.38 -17.09
N TYR A 31 22.35 -13.69 -16.05
CA TYR A 31 23.10 -13.46 -14.82
C TYR A 31 22.43 -14.24 -13.70
N ALA A 32 23.22 -15.00 -12.95
CA ALA A 32 22.67 -15.79 -11.84
C ALA A 32 22.50 -14.91 -10.61
N GLU A 33 21.28 -14.85 -10.07
CA GLU A 33 20.95 -13.88 -9.04
C GLU A 33 21.83 -14.02 -7.80
N VAL A 34 22.32 -15.24 -7.52
CA VAL A 34 23.25 -15.50 -6.41
C VAL A 34 24.46 -14.55 -6.45
N ARG A 35 24.78 -14.03 -7.64
CA ARG A 35 25.93 -13.16 -7.82
C ARG A 35 25.75 -11.75 -7.25
N THR A 36 24.52 -11.32 -6.89
CA THR A 36 24.38 -9.97 -6.33
C THR A 36 25.10 -9.88 -4.99
N ALA A 37 25.55 -8.67 -4.64
CA ALA A 37 26.37 -8.52 -3.44
C ALA A 37 25.62 -8.94 -2.18
N PHE A 38 24.29 -8.78 -2.18
CA PHE A 38 23.49 -9.23 -1.04
C PHE A 38 23.64 -10.73 -0.77
N THR A 39 23.83 -11.53 -1.82
CA THR A 39 23.76 -12.97 -1.68
C THR A 39 25.07 -13.69 -1.92
N HIS A 40 25.99 -13.13 -2.70
CA HIS A 40 27.17 -13.89 -3.08
C HIS A 40 28.07 -14.11 -1.86
N PRO A 41 28.65 -15.30 -1.71
CA PRO A 41 29.51 -15.56 -0.53
C PRO A 41 30.73 -14.66 -0.44
N THR A 42 31.23 -14.12 -1.55
CA THR A 42 32.39 -13.24 -1.47
C THR A 42 32.07 -11.88 -0.88
N SER A 43 30.80 -11.47 -0.87
CA SER A 43 30.41 -10.18 -0.36
C SER A 43 29.46 -10.25 0.83
N PHE A 44 28.86 -11.42 1.09
CA PHE A 44 27.77 -11.58 2.03
C PHE A 44 28.22 -11.30 3.47
N PHE A 45 29.48 -11.57 3.76
CA PHE A 45 30.04 -11.41 5.10
C PHE A 45 30.77 -10.09 5.22
N LYS A 46 30.45 -9.35 6.27
CA LYS A 46 31.09 -8.08 6.59
C LYS A 46 31.32 -8.02 8.09
N PRO A 47 32.37 -7.32 8.53
CA PRO A 47 32.57 -7.14 9.95
C PRO A 47 31.59 -6.14 10.53
N ASN A 48 31.27 -6.32 11.81
CA ASN A 48 30.57 -5.30 12.56
C ASN A 48 31.60 -4.34 13.16
N TYR A 49 31.15 -3.43 14.02
CA TYR A 49 32.04 -2.41 14.54
C TYR A 49 33.02 -2.93 15.57
N LYS A 50 32.84 -4.17 16.04
CA LYS A 50 33.79 -4.81 16.95
C LYS A 50 34.72 -5.76 16.21
N GLY A 51 34.71 -5.75 14.89
CA GLY A 51 35.56 -6.62 14.10
C GLY A 51 35.03 -8.02 13.88
N GLU A 52 33.85 -8.35 14.41
CA GLU A 52 33.27 -9.67 14.20
C GLU A 52 32.64 -9.76 12.81
N VAL A 53 32.98 -10.80 12.07
CA VAL A 53 32.49 -10.97 10.71
C VAL A 53 31.21 -11.78 10.78
N LYS A 54 30.14 -11.21 10.24
CA LYS A 54 28.79 -11.75 10.31
C LYS A 54 28.16 -11.60 8.94
N PRO A 55 27.01 -12.22 8.69
CA PRO A 55 26.19 -11.80 7.55
C PRO A 55 25.95 -10.29 7.62
N TRP A 56 26.10 -9.63 6.47
CA TRP A 56 26.16 -8.17 6.48
C TRP A 56 25.01 -7.54 7.25
N PHE A 57 23.78 -8.05 7.08
CA PHE A 57 22.65 -7.38 7.72
C PHE A 57 22.67 -7.57 9.24
N LEU A 58 23.27 -8.66 9.74
CA LEU A 58 23.41 -8.80 11.18
C LEU A 58 24.47 -7.85 11.72
N SER A 59 25.57 -7.65 10.97
CA SER A 59 26.52 -6.61 11.35
C SER A 59 25.87 -5.24 11.31
N ALA A 60 24.97 -5.00 10.34
CA ALA A 60 24.29 -3.71 10.30
C ALA A 60 23.37 -3.55 11.51
N TYR A 61 22.64 -4.61 11.89
CA TYR A 61 21.87 -4.60 13.13
C TYR A 61 22.72 -4.15 14.30
N ASP A 62 23.94 -4.70 14.42
CA ASP A 62 24.80 -4.35 15.56
C ASP A 62 25.01 -2.83 15.61
N GLU A 63 25.19 -2.20 14.44
CA GLU A 63 25.41 -0.75 14.40
C GLU A 63 24.15 0.04 14.65
N LYS A 64 22.98 -0.47 14.22
CA LYS A 64 21.71 0.17 14.57
C LYS A 64 21.52 0.20 16.09
N VAL A 65 21.74 -0.94 16.74
CA VAL A 65 21.65 -1.03 18.20
C VAL A 65 22.62 -0.06 18.86
N ARG A 66 23.88 -0.07 18.42
CA ARG A 66 24.87 0.87 18.97
C ARG A 66 24.40 2.31 18.83
N GLN A 67 23.91 2.70 17.65
CA GLN A 67 23.52 4.09 17.43
C GLN A 67 22.38 4.51 18.35
N ILE A 68 21.38 3.64 18.54
CA ILE A 68 20.27 3.94 19.44
C ILE A 68 20.81 4.16 20.86
N GLU A 69 21.65 3.24 21.33
CA GLU A 69 22.20 3.37 22.68
C GLU A 69 23.02 4.65 22.84
N ASN A 70 23.61 5.16 21.77
CA ASN A 70 24.39 6.39 21.84
C ASN A 70 23.64 7.60 21.30
N GLY A 71 22.33 7.51 21.16
CA GLY A 71 21.54 8.66 20.73
C GLY A 71 21.89 9.21 19.36
N GLU A 72 22.18 8.33 18.40
CA GLU A 72 22.58 8.73 17.07
C GLU A 72 21.57 8.24 16.02
N ASN A 73 21.36 9.06 14.97
CA ASN A 73 20.50 8.74 13.85
C ASN A 73 21.24 8.12 12.68
N GLY A 74 22.56 8.00 12.78
CA GLY A 74 23.39 7.52 11.72
C GLY A 74 24.82 7.57 12.19
N PRO A 75 25.78 7.22 11.33
CA PRO A 75 27.18 7.15 11.78
C PRO A 75 27.71 8.52 12.18
N LYS A 76 28.13 8.63 13.45
CA LYS A 76 28.63 9.86 14.04
C LYS A 76 27.63 11.00 13.97
N MET A 77 26.36 10.71 13.75
CA MET A 77 25.36 11.75 13.56
C MET A 77 24.46 11.74 14.80
N LYS A 78 24.69 12.68 15.70
CA LYS A 78 23.93 12.74 16.94
C LYS A 78 22.47 13.03 16.64
N ALA A 79 21.56 12.28 17.27
CA ALA A 79 20.15 12.58 17.24
C ALA A 79 19.81 13.63 18.30
N LYS A 80 18.56 14.09 18.30
CA LYS A 80 18.12 15.02 19.34
C LYS A 80 18.18 14.37 20.73
N ASN A 81 17.94 13.06 20.80
CA ASN A 81 18.01 12.29 22.04
C ASN A 81 17.83 10.82 21.66
N VAL A 82 17.95 9.94 22.65
CA VAL A 82 17.81 8.51 22.41
C VAL A 82 16.44 8.19 21.82
N GLY A 83 15.40 8.91 22.27
CA GLY A 83 14.05 8.58 21.83
C GLY A 83 13.84 8.85 20.35
N GLU A 84 14.46 9.92 19.84
CA GLU A 84 14.42 10.16 18.40
C GLU A 84 15.23 9.13 17.64
N ALA A 85 16.41 8.78 18.15
CA ALA A 85 17.15 7.67 17.56
C ALA A 85 16.29 6.41 17.53
N ARG A 86 15.52 6.16 18.60
CA ARG A 86 14.66 4.99 18.64
C ARG A 86 13.58 5.05 17.57
N ALA A 87 12.92 6.21 17.43
CA ALA A 87 11.76 6.30 16.56
C ALA A 87 12.13 6.10 15.09
N GLY A 88 13.31 6.58 14.68
CA GLY A 88 13.74 6.39 13.30
C GLY A 88 13.93 4.94 12.94
N ARG A 89 14.56 4.17 13.82
CA ARG A 89 14.72 2.75 13.55
C ARG A 89 13.39 2.00 13.67
N ALA A 90 12.52 2.42 14.60
CA ALA A 90 11.19 1.81 14.68
C ALA A 90 10.43 2.01 13.37
N LEU A 91 10.45 3.23 12.85
CA LEU A 91 9.79 3.52 11.58
C LEU A 91 10.39 2.68 10.46
N GLU A 92 11.72 2.65 10.38
CA GLU A 92 12.40 1.81 9.40
C GLU A 92 11.96 0.35 9.51
N ALA A 93 12.03 -0.23 10.71
CA ALA A 93 11.71 -1.65 10.86
C ALA A 93 10.27 -1.93 10.48
N ALA A 94 9.35 -1.05 10.87
CA ALA A 94 7.94 -1.24 10.56
C ALA A 94 7.67 -1.14 9.06
N GLY A 95 8.44 -0.31 8.34
CA GLY A 95 8.24 -0.19 6.90
C GLY A 95 8.35 -1.50 6.14
N TRP A 96 9.21 -2.39 6.61
CA TRP A 96 9.42 -3.67 5.95
C TRP A 96 8.30 -4.69 6.21
N THR A 97 7.17 -4.28 6.82
CA THR A 97 6.18 -5.24 7.31
C THR A 97 5.72 -6.22 6.21
N LEU A 98 5.59 -5.77 4.97
CA LEU A 98 5.05 -6.61 3.91
C LEU A 98 6.13 -7.07 2.93
N ASP A 99 7.31 -7.39 3.45
CA ASP A 99 8.43 -7.76 2.61
C ASP A 99 9.21 -8.88 3.30
N ILE A 100 9.55 -9.92 2.55
CA ILE A 100 10.24 -11.09 3.11
C ILE A 100 11.74 -10.93 2.87
N ASN A 101 12.52 -10.92 3.96
CA ASN A 101 13.98 -11.07 3.92
C ASN A 101 14.63 -10.06 2.97
N TYR A 102 14.18 -8.82 3.05
CA TYR A 102 14.77 -7.70 2.34
C TYR A 102 14.72 -7.89 0.82
N GLY A 103 13.50 -7.93 0.29
CA GLY A 103 13.35 -7.75 -1.14
C GLY A 103 12.37 -8.66 -1.84
N ASN A 104 11.78 -9.61 -1.11
CA ASN A 104 10.82 -10.54 -1.69
C ASN A 104 11.40 -11.29 -2.90
N ILE A 105 12.66 -11.74 -2.79
CA ILE A 105 13.30 -12.24 -4.02
C ILE A 105 12.93 -13.70 -4.31
N TYR A 106 12.57 -14.51 -3.32
CA TYR A 106 12.22 -15.89 -3.59
C TYR A 106 10.98 -15.99 -4.46
N PRO A 107 11.09 -16.50 -5.69
CA PRO A 107 9.91 -16.60 -6.54
C PRO A 107 8.96 -17.70 -6.08
N ASN A 108 7.67 -17.45 -6.26
CA ASN A 108 6.61 -18.41 -5.96
C ASN A 108 6.66 -18.86 -4.49
N ARG A 109 7.07 -17.95 -3.60
CA ARG A 109 7.00 -18.12 -2.15
C ARG A 109 6.38 -16.88 -1.53
N PHE A 110 5.69 -17.10 -0.40
CA PHE A 110 5.07 -16.06 0.42
C PHE A 110 4.20 -15.10 -0.40
N PHE A 111 4.64 -13.86 -0.57
CA PHE A 111 3.84 -12.90 -1.34
C PHE A 111 4.01 -13.03 -2.85
N MET A 112 5.03 -13.75 -3.32
CA MET A 112 5.37 -13.75 -4.74
C MET A 112 4.82 -14.97 -5.46
N LEU A 113 3.59 -15.38 -5.17
CA LEU A 113 3.10 -16.62 -5.78
C LEU A 113 2.85 -16.44 -7.28
N TRP A 114 3.24 -17.44 -8.06
CA TRP A 114 3.08 -17.39 -9.51
C TRP A 114 1.68 -17.76 -9.97
N SER A 115 0.88 -18.38 -9.11
CA SER A 115 -0.53 -18.61 -9.36
C SER A 115 -1.34 -17.98 -8.23
N GLY A 116 -2.53 -17.48 -8.56
CA GLY A 116 -3.36 -16.98 -7.51
C GLY A 116 -4.21 -18.01 -6.80
N GLU A 117 -4.19 -19.28 -7.22
CA GLU A 117 -5.24 -20.22 -6.85
C GLU A 117 -5.32 -20.46 -5.35
N THR A 118 -4.21 -20.38 -4.63
CA THR A 118 -4.25 -20.64 -3.19
C THR A 118 -4.52 -19.39 -2.37
N MET A 119 -4.41 -18.20 -2.95
CA MET A 119 -4.57 -16.99 -2.15
C MET A 119 -5.98 -16.92 -1.54
N THR A 120 -6.06 -16.31 -0.36
CA THR A 120 -7.35 -16.17 0.32
C THR A 120 -8.35 -15.39 -0.53
N ASN A 121 -7.86 -14.37 -1.26
CA ASN A 121 -8.76 -13.52 -2.04
C ASN A 121 -9.30 -14.27 -3.24
N THR A 122 -8.46 -15.08 -3.88
CA THR A 122 -8.90 -15.91 -4.99
C THR A 122 -9.94 -16.94 -4.53
N GLN A 123 -9.69 -17.61 -3.40
CA GLN A 123 -10.68 -18.55 -2.87
C GLN A 123 -12.01 -17.86 -2.61
N LEU A 124 -11.98 -16.68 -1.98
CA LEU A 124 -13.21 -15.96 -1.67
C LEU A 124 -14.02 -15.64 -2.91
N TRP A 125 -13.36 -15.30 -4.01
CA TRP A 125 -14.02 -14.90 -5.25
C TRP A 125 -14.23 -16.06 -6.22
N ALA A 126 -13.75 -17.27 -5.88
CA ALA A 126 -13.86 -18.40 -6.79
C ALA A 126 -15.25 -18.57 -7.41
N PRO A 127 -16.36 -18.45 -6.67
CA PRO A 127 -17.69 -18.63 -7.31
C PRO A 127 -17.94 -17.77 -8.52
N VAL A 128 -17.29 -16.60 -8.62
CA VAL A 128 -17.50 -15.77 -9.81
C VAL A 128 -16.69 -16.27 -11.00
N GLY A 129 -15.62 -17.03 -10.76
CA GLY A 129 -14.86 -17.65 -11.83
C GLY A 129 -14.04 -16.70 -12.69
N LEU A 130 -13.81 -15.47 -12.24
CA LEU A 130 -13.06 -14.50 -13.05
C LEU A 130 -11.70 -15.03 -13.49
N ASP A 131 -11.04 -15.84 -12.66
CA ASP A 131 -9.74 -16.37 -13.04
C ASP A 131 -9.83 -17.62 -13.92
N ARG A 132 -11.01 -18.22 -14.09
CA ARG A 132 -11.16 -19.37 -14.97
C ARG A 132 -11.85 -19.04 -16.29
N ARG A 133 -12.53 -17.90 -16.38
CA ARG A 133 -13.23 -17.47 -17.59
C ARG A 133 -12.24 -16.91 -18.60
N PRO A 134 -12.32 -17.31 -19.86
CA PRO A 134 -11.37 -16.79 -20.87
C PRO A 134 -11.49 -15.29 -20.98
N PRO A 135 -10.44 -14.60 -21.46
CA PRO A 135 -10.49 -13.14 -21.54
C PRO A 135 -11.68 -12.67 -22.36
N ASP A 136 -12.34 -11.61 -21.88
CA ASP A 136 -13.32 -10.90 -22.68
C ASP A 136 -12.72 -9.73 -23.44
N THR A 137 -11.45 -9.41 -23.21
CA THR A 137 -10.73 -8.39 -23.98
C THR A 137 -9.41 -8.97 -24.45
N THR A 138 -9.14 -8.87 -25.75
CA THR A 138 -7.84 -9.26 -26.29
C THR A 138 -7.17 -8.12 -27.04
N ASP A 139 -7.84 -6.98 -27.17
CA ASP A 139 -7.29 -5.81 -27.82
C ASP A 139 -6.18 -5.20 -26.98
N PRO A 140 -4.93 -5.20 -27.45
CA PRO A 140 -3.83 -4.67 -26.61
C PRO A 140 -4.04 -3.24 -26.21
N VAL A 141 -4.70 -2.44 -27.05
CA VAL A 141 -4.89 -1.03 -26.73
C VAL A 141 -5.78 -0.87 -25.50
N GLU A 142 -6.97 -1.49 -25.52
CA GLU A 142 -7.83 -1.41 -24.35
C GLU A 142 -7.18 -2.05 -23.12
N LEU A 143 -6.46 -3.16 -23.31
CA LEU A 143 -5.80 -3.81 -22.17
C LEU A 143 -4.73 -2.92 -21.55
N THR A 144 -3.97 -2.20 -22.37
CA THR A 144 -2.96 -1.30 -21.82
C THR A 144 -3.63 -0.21 -20.97
N ASN A 145 -4.75 0.35 -21.45
CA ASN A 145 -5.45 1.35 -20.66
C ASN A 145 -5.99 0.76 -19.36
N TYR A 146 -6.64 -0.41 -19.44
CA TYR A 146 -7.14 -1.07 -18.24
C TYR A 146 -6.02 -1.38 -17.25
N VAL A 147 -4.91 -1.97 -17.72
CA VAL A 147 -3.95 -2.43 -16.75
C VAL A 147 -3.19 -1.25 -16.14
N LYS A 148 -2.97 -0.17 -16.92
CA LYS A 148 -2.28 0.97 -16.36
C LYS A 148 -3.15 1.70 -15.34
N PHE A 149 -4.46 1.80 -15.60
CA PHE A 149 -5.38 2.35 -14.60
C PHE A 149 -5.31 1.53 -13.31
N ALA A 150 -5.35 0.21 -13.44
CA ALA A 150 -5.23 -0.67 -12.29
C ALA A 150 -3.91 -0.45 -11.55
N ALA A 151 -2.80 -0.35 -12.30
CA ALA A 151 -1.50 -0.07 -11.72
C ALA A 151 -1.56 1.17 -10.83
N ARG A 152 -2.19 2.24 -11.32
CA ARG A 152 -2.22 3.47 -10.55
C ARG A 152 -3.01 3.28 -9.27
N MET A 153 -4.18 2.64 -9.38
CA MET A 153 -4.91 2.21 -8.19
C MET A 153 -4.03 1.38 -7.27
N ALA A 154 -3.17 0.55 -7.84
CA ALA A 154 -2.36 -0.35 -7.04
C ALA A 154 -1.15 0.33 -6.41
N GLY A 155 -1.01 1.65 -6.55
CA GLY A 155 0.02 2.39 -5.85
C GLY A 155 1.25 2.76 -6.64
N ALA A 156 1.26 2.52 -7.95
CA ALA A 156 2.36 2.93 -8.80
C ALA A 156 2.29 4.42 -9.06
N ASP A 157 3.41 5.11 -8.88
CA ASP A 157 3.45 6.50 -9.32
C ASP A 157 3.83 6.60 -10.81
N LEU A 158 4.54 5.61 -11.34
CA LEU A 158 4.86 5.51 -12.75
C LEU A 158 4.61 4.08 -13.20
N VAL A 159 4.12 3.91 -14.41
CA VAL A 159 3.90 2.56 -14.95
C VAL A 159 4.22 2.60 -16.43
N GLY A 160 4.89 1.56 -16.91
CA GLY A 160 5.25 1.46 -18.31
C GLY A 160 5.23 0.01 -18.71
N VAL A 161 5.20 -0.21 -20.04
CA VAL A 161 5.12 -1.56 -20.61
C VAL A 161 6.26 -1.76 -21.59
N ALA A 162 6.86 -2.96 -21.57
CA ALA A 162 7.84 -3.33 -22.58
C ALA A 162 7.68 -4.81 -22.90
N ARG A 163 8.10 -5.17 -24.12
CA ARG A 163 8.35 -6.57 -24.42
C ARG A 163 9.38 -7.12 -23.45
N LEU A 164 9.15 -8.33 -22.98
CA LEU A 164 10.08 -8.96 -22.05
C LEU A 164 11.36 -9.35 -22.77
N ASN A 165 12.47 -8.78 -22.33
CA ASN A 165 13.81 -9.10 -22.82
C ASN A 165 14.43 -10.10 -21.85
N ARG A 166 14.56 -11.34 -22.30
CA ARG A 166 15.02 -12.41 -21.42
C ARG A 166 16.45 -12.21 -20.93
N ASN A 167 17.23 -11.32 -21.55
CA ASN A 167 18.60 -11.06 -21.10
C ASN A 167 18.63 -10.59 -19.65
N TRP A 168 17.58 -9.89 -19.21
CA TRP A 168 17.56 -9.33 -17.86
C TRP A 168 16.92 -10.27 -16.85
N VAL A 169 16.34 -11.37 -17.32
CA VAL A 169 15.78 -12.38 -16.43
C VAL A 169 16.92 -13.22 -15.87
N TYR A 170 16.92 -13.44 -14.56
CA TYR A 170 18.03 -14.15 -13.93
C TYR A 170 18.12 -15.56 -14.50
N SER A 171 19.35 -16.01 -14.75
CA SER A 171 19.52 -17.37 -15.23
C SER A 171 19.08 -18.38 -14.17
N GLU A 172 19.50 -18.16 -12.93
CA GLU A 172 19.03 -18.92 -11.78
C GLU A 172 18.62 -17.95 -10.68
N ALA A 173 17.57 -18.31 -9.95
CA ALA A 173 17.05 -17.51 -8.85
C ALA A 173 17.60 -18.00 -7.52
N VAL A 174 17.64 -17.09 -6.57
CA VAL A 174 17.80 -17.48 -5.17
C VAL A 174 16.42 -17.69 -4.58
N THR A 175 16.25 -18.79 -3.87
CA THR A 175 14.94 -19.18 -3.38
C THR A 175 15.14 -20.14 -2.21
N ILE A 176 14.04 -20.72 -1.73
CA ILE A 176 14.10 -21.76 -0.70
C ILE A 176 13.21 -22.92 -1.12
N PRO A 177 13.46 -24.10 -0.58
CA PRO A 177 12.60 -25.25 -0.90
C PRO A 177 11.18 -25.00 -0.44
N ALA A 178 10.23 -25.58 -1.17
CA ALA A 178 8.81 -25.34 -0.88
C ALA A 178 8.39 -25.85 0.49
N ASP A 179 9.09 -26.84 1.06
CA ASP A 179 8.69 -27.40 2.35
C ASP A 179 9.33 -26.70 3.55
N VAL A 180 10.13 -25.67 3.32
CA VAL A 180 10.87 -25.00 4.40
C VAL A 180 10.05 -23.84 4.96
N PRO A 181 9.84 -23.79 6.28
CA PRO A 181 9.06 -22.72 6.89
C PRO A 181 9.90 -21.45 7.00
N TYR A 182 9.22 -20.34 7.32
CA TYR A 182 9.87 -19.04 7.23
C TYR A 182 11.06 -18.93 8.16
N GLU A 183 10.93 -19.43 9.40
CA GLU A 183 11.97 -19.21 10.39
C GLU A 183 13.30 -19.86 10.00
N GLN A 184 13.27 -20.82 9.07
CA GLN A 184 14.47 -21.46 8.54
C GLN A 184 14.93 -20.87 7.20
N SER A 185 14.13 -19.98 6.58
CA SER A 185 14.38 -19.56 5.20
C SER A 185 15.79 -19.06 4.98
N LEU A 186 16.30 -18.22 5.89
CA LEU A 186 17.62 -17.63 5.66
C LEU A 186 18.73 -18.68 5.64
N HIS A 187 18.55 -19.80 6.33
CA HIS A 187 19.59 -20.81 6.39
C HIS A 187 19.45 -21.87 5.31
N LYS A 188 18.36 -21.88 4.57
CA LYS A 188 18.09 -22.94 3.61
C LYS A 188 17.94 -22.39 2.18
N GLU A 189 18.56 -21.25 1.90
CA GLU A 189 18.46 -20.66 0.56
C GLU A 189 19.21 -21.50 -0.46
N ILE A 190 18.64 -21.63 -1.66
CA ILE A 190 19.20 -22.45 -2.74
C ILE A 190 19.11 -21.66 -4.04
N GLU A 191 19.71 -22.22 -5.09
CA GLU A 191 19.57 -21.69 -6.43
C GLU A 191 18.64 -22.58 -7.24
N LYS A 192 17.88 -21.97 -8.14
CA LYS A 192 16.94 -22.72 -8.94
C LYS A 192 16.84 -22.08 -10.32
N PRO A 193 16.98 -22.85 -11.39
CA PRO A 193 16.96 -22.25 -12.73
C PRO A 193 15.61 -21.66 -13.09
N ILE A 194 15.65 -20.57 -13.85
CA ILE A 194 14.48 -19.97 -14.47
C ILE A 194 14.58 -20.24 -15.97
N VAL A 195 13.64 -21.04 -16.48
CA VAL A 195 13.68 -21.50 -17.87
C VAL A 195 12.38 -21.13 -18.55
N PHE A 196 12.43 -21.06 -19.88
CA PHE A 196 11.27 -20.75 -20.71
C PHE A 196 10.91 -21.99 -21.51
N LYS A 197 9.67 -22.45 -21.36
CA LYS A 197 9.21 -23.67 -21.98
C LYS A 197 7.82 -23.48 -22.56
N ASP A 198 7.42 -24.42 -23.43
CA ASP A 198 6.12 -24.38 -24.09
C ASP A 198 5.10 -25.05 -23.18
N VAL A 199 4.65 -24.28 -22.19
CA VAL A 199 3.66 -24.71 -21.22
C VAL A 199 2.59 -23.62 -21.16
N PRO A 200 1.38 -23.97 -20.72
CA PRO A 200 0.29 -22.97 -20.73
C PRO A 200 0.39 -21.94 -19.61
N LEU A 201 0.82 -22.36 -18.42
CA LEU A 201 0.84 -21.49 -17.27
C LEU A 201 2.20 -21.48 -16.59
N PRO A 202 2.54 -20.39 -15.91
CA PRO A 202 3.73 -20.43 -15.03
C PRO A 202 3.59 -21.57 -14.04
N ILE A 203 4.70 -22.26 -13.81
CA ILE A 203 4.66 -23.48 -13.00
C ILE A 203 6.07 -23.73 -12.48
N GLU A 204 6.15 -24.33 -11.30
CA GLU A 204 7.41 -24.63 -10.65
C GLU A 204 7.46 -26.13 -10.39
N THR A 205 8.53 -26.77 -10.87
CA THR A 205 8.80 -28.15 -10.53
C THR A 205 9.88 -28.19 -9.46
N ASP A 206 10.17 -29.40 -8.97
CA ASP A 206 11.29 -29.56 -8.06
C ASP A 206 12.60 -29.04 -8.65
N ASP A 207 12.73 -29.04 -9.97
CA ASP A 207 13.98 -28.67 -10.61
C ASP A 207 14.00 -27.28 -11.22
N GLU A 208 12.85 -26.75 -11.64
CA GLU A 208 12.85 -25.53 -12.45
C GLU A 208 11.70 -24.61 -12.08
N LEU A 209 11.96 -23.30 -12.20
CA LEU A 209 10.92 -22.30 -12.33
C LEU A 209 10.67 -22.12 -13.83
N ILE A 210 9.46 -22.41 -14.28
CA ILE A 210 9.17 -22.42 -15.71
C ILE A 210 8.28 -21.22 -16.04
N ILE A 211 8.79 -20.36 -16.92
CA ILE A 211 8.04 -19.22 -17.46
C ILE A 211 7.54 -19.62 -18.83
N PRO A 212 6.25 -19.46 -19.13
CA PRO A 212 5.74 -19.87 -20.45
C PRO A 212 6.36 -19.04 -21.57
N ASN A 213 6.60 -19.70 -22.71
CA ASN A 213 7.07 -18.99 -23.89
C ASN A 213 6.09 -17.92 -24.35
N THR A 214 4.82 -18.02 -23.97
CA THR A 214 3.85 -16.97 -24.29
C THR A 214 3.95 -15.75 -23.38
N CYS A 215 4.87 -15.73 -22.40
CA CYS A 215 5.01 -14.58 -21.49
C CYS A 215 5.73 -13.46 -22.23
N GLU A 216 4.94 -12.66 -22.95
CA GLU A 216 5.46 -11.71 -23.93
C GLU A 216 5.90 -10.39 -23.31
N ASN A 217 5.28 -9.96 -22.21
CA ASN A 217 5.36 -8.57 -21.78
C ASN A 217 5.79 -8.46 -20.32
N VAL A 218 6.30 -7.27 -19.99
CA VAL A 218 6.64 -6.93 -18.63
C VAL A 218 6.08 -5.54 -18.33
N ILE A 219 5.41 -5.41 -17.18
CA ILE A 219 4.84 -4.16 -16.71
C ILE A 219 5.72 -3.67 -15.57
N VAL A 220 6.28 -2.47 -15.70
CA VAL A 220 7.21 -1.92 -14.73
C VAL A 220 6.54 -0.77 -14.00
N ALA A 221 6.65 -0.78 -12.68
CA ALA A 221 6.07 0.22 -11.80
C ALA A 221 7.17 1.01 -11.12
N GLY A 222 6.97 2.33 -11.04
CA GLY A 222 7.79 3.19 -10.21
C GLY A 222 7.02 3.59 -8.97
N ILE A 223 7.67 3.39 -7.81
CA ILE A 223 7.10 3.62 -6.49
C ILE A 223 7.90 4.74 -5.83
N ALA A 224 7.34 5.94 -5.78
CA ALA A 224 8.14 7.11 -5.40
C ALA A 224 8.45 7.14 -3.92
N MET A 225 9.70 7.49 -3.60
CA MET A 225 10.16 7.65 -2.23
C MET A 225 10.04 9.11 -1.81
N ASN A 226 10.26 9.36 -0.53
CA ASN A 226 10.07 10.70 0.01
C ASN A 226 11.37 11.50 -0.08
N ARG A 227 11.30 12.68 -0.70
CA ARG A 227 12.47 13.52 -0.90
C ARG A 227 13.12 13.92 0.43
N GLU A 228 12.33 14.45 1.37
CA GLU A 228 12.91 14.92 2.63
C GLU A 228 13.58 13.77 3.40
N MET A 229 12.95 12.60 3.43
CA MET A 229 13.57 11.49 4.16
C MET A 229 14.83 10.99 3.46
N MET A 230 14.83 10.94 2.12
CA MET A 230 16.00 10.42 1.41
C MET A 230 17.20 11.36 1.54
N GLN A 231 16.96 12.68 1.64
N GLN A 231 16.96 12.67 1.65
CA GLN A 231 18.05 13.63 1.81
CA GLN A 231 18.04 13.63 1.82
C GLN A 231 18.75 13.47 3.16
C GLN A 231 18.72 13.52 3.18
N THR A 232 18.19 12.70 4.10
CA THR A 232 18.90 12.39 5.33
C THR A 232 19.86 11.24 5.17
N ALA A 233 20.02 10.69 3.96
CA ALA A 233 20.99 9.61 3.75
C ALA A 233 22.37 10.07 4.19
N PRO A 234 23.15 9.19 4.86
CA PRO A 234 22.91 7.75 5.04
C PRO A 234 22.23 7.42 6.36
N ASN A 235 21.48 8.37 6.90
CA ASN A 235 20.93 8.22 8.24
C ASN A 235 19.58 7.52 8.20
N SER A 236 18.96 7.41 9.38
CA SER A 236 17.88 6.44 9.55
C SER A 236 16.62 6.77 8.74
N MET A 237 16.29 8.05 8.56
CA MET A 237 15.03 8.35 7.89
C MET A 237 15.07 7.99 6.41
N ALA A 238 16.26 7.92 5.82
CA ALA A 238 16.39 7.43 4.45
C ALA A 238 16.11 5.93 4.39
N CYS A 239 16.50 5.19 5.44
CA CYS A 239 16.14 3.78 5.52
C CYS A 239 14.64 3.59 5.60
N ALA A 240 13.94 4.51 6.27
CA ALA A 240 12.50 4.37 6.49
C ALA A 240 11.71 4.51 5.19
N THR A 241 11.99 5.55 4.39
CA THR A 241 11.28 5.68 3.12
C THR A 241 11.60 4.52 2.17
N THR A 242 12.86 4.08 2.13
CA THR A 242 13.22 2.85 1.43
C THR A 242 12.33 1.68 1.88
N ALA A 243 12.26 1.45 3.20
CA ALA A 243 11.52 0.31 3.73
C ALA A 243 10.04 0.37 3.37
N PHE A 244 9.38 1.51 3.64
CA PHE A 244 7.96 1.61 3.30
C PHE A 244 7.70 1.35 1.83
N CYS A 245 8.62 1.76 0.95
CA CYS A 245 8.35 1.55 -0.47
C CYS A 245 8.49 0.09 -0.89
N TYR A 246 9.25 -0.72 -0.15
CA TYR A 246 9.27 -2.15 -0.46
C TYR A 246 7.93 -2.79 -0.15
N SER A 247 7.28 -2.38 0.93
CA SER A 247 5.95 -2.93 1.19
C SER A 247 4.94 -2.41 0.18
N ARG A 248 5.09 -1.15 -0.25
CA ARG A 248 4.26 -0.65 -1.34
C ARG A 248 4.47 -1.46 -2.60
N MET A 249 5.73 -1.81 -2.92
CA MET A 249 6.01 -2.66 -4.08
C MET A 249 5.28 -3.97 -3.98
N CYS A 250 5.29 -4.57 -2.78
CA CYS A 250 4.66 -5.86 -2.60
C CYS A 250 3.16 -5.78 -2.85
N MET A 251 2.48 -4.81 -2.23
N MET A 251 2.48 -4.83 -2.21
CA MET A 251 1.04 -4.68 -2.45
CA MET A 251 1.06 -4.63 -2.44
C MET A 251 0.73 -4.39 -3.91
C MET A 251 0.78 -4.44 -3.92
N PHE A 252 1.64 -3.70 -4.62
CA PHE A 252 1.45 -3.49 -6.05
C PHE A 252 1.45 -4.81 -6.80
N ASP A 253 2.50 -5.62 -6.62
CA ASP A 253 2.60 -6.86 -7.41
C ASP A 253 1.35 -7.70 -7.23
N MET A 254 0.90 -7.83 -5.99
CA MET A 254 -0.22 -8.71 -5.69
C MET A 254 -1.53 -8.16 -6.25
N TRP A 255 -1.81 -6.88 -5.98
CA TRP A 255 -2.96 -6.19 -6.56
C TRP A 255 -3.03 -6.37 -8.08
N LEU A 256 -1.90 -6.14 -8.75
CA LEU A 256 -1.92 -6.15 -10.21
C LEU A 256 -2.00 -7.57 -10.76
N CYS A 257 -1.28 -8.51 -10.15
CA CYS A 257 -1.37 -9.89 -10.61
C CYS A 257 -2.81 -10.39 -10.52
N GLN A 258 -3.47 -10.10 -9.40
CA GLN A 258 -4.86 -10.51 -9.24
C GLN A 258 -5.76 -9.87 -10.30
N PHE A 259 -5.56 -8.58 -10.58
CA PHE A 259 -6.32 -7.95 -11.65
C PHE A 259 -6.09 -8.66 -12.99
N ILE A 260 -4.83 -8.96 -13.31
CA ILE A 260 -4.53 -9.60 -14.59
C ILE A 260 -5.16 -10.97 -14.68
N ARG A 261 -5.05 -11.77 -13.59
CA ARG A 261 -5.67 -13.10 -13.57
C ARG A 261 -7.18 -13.01 -13.71
N TYR A 262 -7.80 -12.11 -12.97
CA TYR A 262 -9.23 -11.89 -13.04
C TYR A 262 -9.67 -11.36 -14.41
N MET A 263 -8.75 -10.91 -15.23
CA MET A 263 -9.02 -10.55 -16.62
C MET A 263 -8.86 -11.73 -17.56
N GLY A 264 -8.36 -12.86 -17.06
CA GLY A 264 -8.25 -14.07 -17.86
C GLY A 264 -6.87 -14.38 -18.39
N TYR A 265 -5.83 -13.78 -17.83
CA TYR A 265 -4.45 -14.01 -18.21
C TYR A 265 -3.69 -14.49 -16.97
N TYR A 266 -2.40 -14.78 -17.14
CA TYR A 266 -1.58 -15.11 -15.99
C TYR A 266 -0.62 -13.96 -15.70
N ALA A 267 -0.05 -14.00 -14.50
CA ALA A 267 0.82 -12.92 -14.05
C ALA A 267 1.84 -13.43 -13.05
N ILE A 268 3.08 -12.98 -13.19
CA ILE A 268 4.17 -13.34 -12.30
C ILE A 268 4.64 -12.09 -11.56
N PRO A 269 4.57 -12.06 -10.23
CA PRO A 269 5.14 -10.95 -9.46
C PRO A 269 6.65 -11.15 -9.34
N SER A 270 7.33 -10.16 -8.76
CA SER A 270 8.78 -10.31 -8.60
C SER A 270 9.41 -9.46 -7.49
N CYS A 271 8.93 -8.22 -7.31
CA CYS A 271 9.61 -7.26 -6.43
C CYS A 271 11.10 -7.23 -6.80
N ASN A 272 12.00 -7.59 -5.89
CA ASN A 272 13.43 -7.51 -6.22
C ASN A 272 13.96 -8.78 -6.87
N GLY A 273 13.11 -9.78 -7.12
CA GLY A 273 13.54 -11.04 -7.70
C GLY A 273 13.27 -11.15 -9.18
N VAL A 274 13.54 -12.35 -9.71
CA VAL A 274 13.25 -12.77 -11.08
C VAL A 274 14.14 -12.11 -12.11
N GLY A 275 14.32 -10.79 -12.02
CA GLY A 275 15.10 -10.12 -13.05
C GLY A 275 15.54 -8.73 -12.65
N GLN A 276 16.35 -8.11 -13.52
CA GLN A 276 16.99 -6.84 -13.19
C GLN A 276 16.05 -5.68 -13.49
N SER A 277 15.61 -5.00 -12.44
CA SER A 277 14.56 -4.00 -12.59
C SER A 277 15.02 -2.76 -13.37
N VAL A 278 16.29 -2.38 -13.27
CA VAL A 278 16.74 -1.17 -13.96
C VAL A 278 16.63 -1.36 -15.48
N ALA A 279 17.01 -2.54 -15.98
CA ALA A 279 16.96 -2.79 -17.42
C ALA A 279 15.51 -2.80 -17.92
N PHE A 280 14.63 -3.54 -17.24
CA PHE A 280 13.22 -3.50 -17.59
C PHE A 280 12.68 -2.08 -17.57
N ALA A 281 13.06 -1.30 -16.56
CA ALA A 281 12.55 0.07 -16.47
C ALA A 281 13.03 0.93 -17.63
N VAL A 282 14.29 0.75 -18.05
CA VAL A 282 14.80 1.50 -19.19
C VAL A 282 14.03 1.14 -20.46
N GLU A 283 13.81 -0.16 -20.69
CA GLU A 283 13.15 -0.60 -21.90
C GLU A 283 11.67 -0.21 -21.91
N ALA A 284 11.05 -0.12 -20.74
CA ALA A 284 9.68 0.36 -20.61
C ALA A 284 9.57 1.89 -20.62
N GLY A 285 10.70 2.61 -20.72
CA GLY A 285 10.66 4.06 -20.79
C GLY A 285 10.37 4.83 -19.51
N LEU A 286 10.55 4.20 -18.33
CA LEU A 286 10.37 4.98 -17.11
C LEU A 286 11.45 6.06 -16.97
N GLY A 287 12.66 5.75 -17.41
CA GLY A 287 13.79 6.68 -17.40
C GLY A 287 15.03 6.09 -18.03
N GLN A 288 16.21 6.59 -17.67
CA GLN A 288 17.46 6.11 -18.27
C GLN A 288 18.42 5.59 -17.20
N ALA A 289 19.27 4.65 -17.63
CA ALA A 289 20.40 4.21 -16.81
C ALA A 289 21.32 5.37 -16.50
N SER A 290 21.99 5.29 -15.36
CA SER A 290 22.74 6.41 -14.83
C SER A 290 24.13 5.96 -14.43
N ARG A 291 24.97 6.94 -14.08
CA ARG A 291 26.30 6.60 -13.56
C ARG A 291 26.19 5.75 -12.31
N MET A 292 25.32 6.14 -11.37
CA MET A 292 25.20 5.38 -10.14
C MET A 292 24.68 3.97 -10.39
N GLY A 293 23.99 3.77 -11.51
CA GLY A 293 23.46 2.48 -11.88
C GLY A 293 21.95 2.40 -11.82
N ALA A 294 21.28 3.40 -11.26
CA ALA A 294 19.83 3.36 -11.14
C ALA A 294 19.16 3.92 -12.39
N CYS A 295 17.88 3.62 -12.53
CA CYS A 295 17.06 4.27 -13.54
C CYS A 295 16.70 5.67 -13.04
N ILE A 296 17.05 6.69 -13.81
CA ILE A 296 16.71 8.07 -13.46
C ILE A 296 15.48 8.46 -14.25
N THR A 297 14.44 8.93 -13.54
CA THR A 297 13.17 9.32 -14.13
C THR A 297 13.03 10.84 -14.18
N PRO A 298 12.26 11.36 -15.14
CA PRO A 298 12.01 12.82 -15.16
C PRO A 298 11.26 13.32 -13.94
N GLU A 299 10.35 12.51 -13.39
CA GLU A 299 9.54 12.98 -12.27
C GLU A 299 10.26 12.94 -10.94
N PHE A 300 11.08 11.90 -10.71
CA PHE A 300 11.66 11.69 -9.38
C PHE A 300 13.18 11.57 -9.41
N GLY A 301 13.82 11.70 -10.56
CA GLY A 301 15.20 11.32 -10.67
C GLY A 301 15.32 9.84 -10.32
N PRO A 302 16.39 9.48 -9.62
CA PRO A 302 16.53 8.09 -9.16
C PRO A 302 15.79 7.80 -7.86
N ASN A 303 15.10 8.80 -7.27
CA ASN A 303 14.47 8.63 -5.96
C ASN A 303 13.10 7.94 -6.08
N VAL A 304 13.14 6.76 -6.69
CA VAL A 304 11.93 6.00 -6.96
C VAL A 304 12.31 4.52 -6.96
N ARG A 305 11.48 3.70 -6.33
CA ARG A 305 11.73 2.26 -6.36
C ARG A 305 11.00 1.64 -7.55
N LEU A 306 11.42 0.43 -7.90
CA LEU A 306 10.95 -0.30 -9.07
C LEU A 306 10.44 -1.66 -8.66
N THR A 307 9.31 -2.08 -9.23
CA THR A 307 8.93 -3.47 -9.25
C THR A 307 8.39 -3.77 -10.65
N LYS A 308 8.06 -5.04 -10.91
CA LYS A 308 7.61 -5.41 -12.24
C LYS A 308 6.82 -6.70 -12.15
N VAL A 309 5.95 -6.89 -13.15
CA VAL A 309 5.07 -8.05 -13.28
C VAL A 309 5.17 -8.55 -14.72
N PHE A 310 5.24 -9.87 -14.88
CA PHE A 310 5.37 -10.50 -16.19
C PHE A 310 4.06 -11.16 -16.57
N THR A 311 3.66 -11.04 -17.84
CA THR A 311 2.32 -11.46 -18.22
C THR A 311 2.25 -11.78 -19.71
N ASN A 312 1.22 -12.54 -20.07
CA ASN A 312 0.89 -12.80 -21.47
C ASN A 312 -0.25 -11.92 -21.99
N MET A 313 -0.84 -11.10 -21.13
CA MET A 313 -1.82 -10.12 -21.56
C MET A 313 -1.25 -9.30 -22.72
N PRO A 314 -1.88 -9.32 -23.89
CA PRO A 314 -1.43 -8.43 -24.97
C PRO A 314 -1.40 -6.97 -24.51
N LEU A 315 -0.30 -6.29 -24.81
CA LEU A 315 -0.15 -4.89 -24.42
C LEU A 315 0.58 -4.13 -25.53
N VAL A 316 0.47 -2.81 -25.50
CA VAL A 316 1.21 -1.95 -26.41
C VAL A 316 2.46 -1.47 -25.69
N PRO A 317 3.66 -1.85 -26.15
CA PRO A 317 4.87 -1.40 -25.47
C PRO A 317 5.02 0.13 -25.51
N ASP A 318 5.59 0.68 -24.45
CA ASP A 318 5.88 2.12 -24.45
C ASP A 318 7.17 2.41 -25.19
N LYS A 319 7.34 3.65 -25.53
CA LYS A 319 8.60 3.98 -26.19
C LYS A 319 9.67 4.31 -25.15
N PRO A 320 10.93 3.96 -25.40
CA PRO A 320 12.01 4.43 -24.52
C PRO A 320 12.09 5.95 -24.50
N ILE A 321 12.85 6.46 -23.54
CA ILE A 321 12.95 7.90 -23.34
C ILE A 321 14.42 8.30 -23.31
N ASP A 322 14.74 9.46 -23.87
CA ASP A 322 16.11 9.98 -23.84
C ASP A 322 15.97 11.47 -23.57
N PHE A 323 16.18 11.87 -22.31
CA PHE A 323 16.16 13.28 -21.93
C PHE A 323 17.55 13.77 -21.50
N GLY A 324 18.60 13.07 -21.94
CA GLY A 324 19.97 13.53 -21.80
C GLY A 324 20.74 13.01 -20.62
N VAL A 325 20.25 11.96 -19.94
CA VAL A 325 20.86 11.57 -18.69
C VAL A 325 22.30 11.10 -18.90
N THR A 326 22.52 10.28 -19.95
CA THR A 326 23.86 9.83 -20.27
C THR A 326 24.84 10.99 -20.40
N GLU A 327 24.44 12.07 -21.07
CA GLU A 327 25.36 13.18 -21.27
C GLU A 327 25.57 13.96 -19.99
N PHE A 328 24.54 14.08 -19.15
CA PHE A 328 24.76 14.70 -17.84
C PHE A 328 25.63 13.85 -16.93
N CYS A 329 25.35 12.53 -16.86
CA CYS A 329 26.23 11.66 -16.05
C CYS A 329 27.68 11.69 -16.55
N GLU A 330 27.90 11.89 -17.85
CA GLU A 330 29.26 11.86 -18.37
C GLU A 330 30.11 12.96 -17.76
N THR A 331 29.50 14.11 -17.42
CA THR A 331 30.23 15.23 -16.86
C THR A 331 29.91 15.53 -15.40
N CYS A 332 28.96 14.83 -14.77
CA CYS A 332 28.51 15.24 -13.43
C CYS A 332 29.39 14.68 -12.31
N LYS A 333 29.37 13.36 -12.14
CA LYS A 333 30.18 12.63 -11.16
C LYS A 333 29.92 13.01 -9.69
N LYS A 334 28.83 13.74 -9.39
CA LYS A 334 28.53 14.09 -7.98
C LYS A 334 28.38 12.85 -7.12
N CYS A 335 27.65 11.84 -7.60
CA CYS A 335 27.47 10.62 -6.81
C CYS A 335 28.80 9.92 -6.58
N ALA A 336 29.65 9.84 -7.62
CA ALA A 336 30.96 9.21 -7.46
C ALA A 336 31.77 9.93 -6.41
N ARG A 337 31.67 11.26 -6.35
CA ARG A 337 32.53 11.98 -5.44
C ARG A 337 32.01 11.98 -4.01
N GLU A 338 30.70 11.83 -3.82
CA GLU A 338 30.11 11.80 -2.50
C GLU A 338 29.99 10.40 -1.92
N CYS A 339 30.13 9.37 -2.75
CA CYS A 339 29.98 7.97 -2.32
C CYS A 339 30.92 7.67 -1.15
N PRO A 340 30.39 7.39 0.04
CA PRO A 340 31.27 7.16 1.20
C PRO A 340 32.21 5.99 1.04
N SER A 341 31.96 5.08 0.11
CA SER A 341 32.81 3.92 -0.07
C SER A 341 33.53 3.94 -1.40
N LYS A 342 33.31 4.96 -2.23
CA LYS A 342 33.95 5.06 -3.54
C LYS A 342 33.58 3.91 -4.46
N ALA A 343 32.32 3.45 -4.41
CA ALA A 343 31.90 2.32 -5.23
C ALA A 343 31.56 2.69 -6.66
N ILE A 344 31.25 3.95 -6.93
CA ILE A 344 30.82 4.38 -8.25
C ILE A 344 32.03 4.91 -9.02
N THR A 345 32.23 4.40 -10.23
CA THR A 345 33.39 4.80 -11.02
C THR A 345 33.27 6.25 -11.47
N GLU A 346 34.42 6.88 -11.67
CA GLU A 346 34.48 8.18 -12.31
C GLU A 346 34.85 8.10 -13.78
N GLY A 347 35.01 6.89 -14.33
CA GLY A 347 35.46 6.74 -15.68
C GLY A 347 34.32 6.50 -16.67
N PRO A 348 34.67 6.02 -17.84
CA PRO A 348 33.66 5.83 -18.90
C PRO A 348 32.91 4.50 -18.75
N ARG A 349 31.82 4.42 -19.51
CA ARG A 349 31.08 3.17 -19.64
C ARG A 349 31.87 2.14 -20.43
N THR A 350 31.75 0.88 -20.01
CA THR A 350 32.38 -0.24 -20.72
C THR A 350 31.42 -1.41 -20.74
N PHE A 351 31.81 -2.46 -21.47
CA PHE A 351 31.12 -3.74 -21.47
C PHE A 351 31.71 -4.75 -20.50
N GLU A 352 32.71 -4.36 -19.72
CA GLU A 352 33.48 -5.31 -18.91
C GLU A 352 33.13 -5.14 -17.44
N GLY A 353 32.52 -6.17 -16.87
CA GLY A 353 32.14 -6.11 -15.47
C GLY A 353 33.35 -5.84 -14.58
N ARG A 354 33.10 -5.08 -13.52
CA ARG A 354 34.16 -4.79 -12.55
C ARG A 354 34.47 -6.00 -11.69
N SER A 355 33.46 -6.81 -11.39
CA SER A 355 33.63 -7.97 -10.53
C SER A 355 32.45 -8.90 -10.78
N ILE A 356 32.35 -9.94 -9.94
CA ILE A 356 31.35 -10.97 -10.13
C ILE A 356 29.95 -10.37 -10.10
N HIS A 357 29.77 -9.23 -9.43
CA HIS A 357 28.44 -8.66 -9.21
C HIS A 357 27.88 -7.97 -10.46
N ASN A 358 28.73 -7.52 -11.38
CA ASN A 358 28.21 -6.89 -12.58
C ASN A 358 27.94 -7.95 -13.65
N GLN A 359 26.96 -7.68 -14.49
CA GLN A 359 26.67 -8.51 -15.66
C GLN A 359 27.45 -7.93 -16.83
N SER A 360 28.40 -8.69 -17.35
CA SER A 360 29.22 -8.24 -18.47
C SER A 360 28.46 -8.35 -19.78
N GLY A 361 28.85 -7.51 -20.73
CA GLY A 361 28.27 -7.57 -22.05
C GLY A 361 27.23 -6.51 -22.35
N LYS A 362 27.05 -5.52 -21.48
CA LYS A 362 26.13 -4.43 -21.75
C LYS A 362 26.80 -3.11 -21.36
N LEU A 363 26.67 -2.12 -22.23
CA LEU A 363 27.34 -0.85 -22.03
C LEU A 363 26.73 -0.14 -20.84
N GLN A 364 27.54 0.12 -19.82
CA GLN A 364 27.03 0.72 -18.60
C GLN A 364 28.23 1.21 -17.81
N TRP A 365 27.97 2.12 -16.88
CA TRP A 365 29.00 2.46 -15.89
C TRP A 365 29.14 1.29 -14.92
N GLN A 366 30.36 0.79 -14.79
CA GLN A 366 30.62 -0.41 -14.00
C GLN A 366 31.04 0.01 -12.59
N ASN A 367 30.21 -0.31 -11.60
CA ASN A 367 30.46 0.09 -10.23
C ASN A 367 30.82 -1.11 -9.37
N ASP A 368 31.55 -0.86 -8.29
CA ASP A 368 31.96 -1.94 -7.40
C ASP A 368 30.91 -2.10 -6.31
N TYR A 369 30.02 -3.07 -6.48
CA TYR A 369 28.90 -3.13 -5.55
C TYR A 369 29.26 -3.81 -4.24
N ASN A 370 30.44 -4.44 -4.13
CA ASN A 370 30.88 -4.96 -2.85
C ASN A 370 31.36 -3.82 -1.93
N LYS A 371 32.02 -2.81 -2.48
CA LYS A 371 32.33 -1.63 -1.70
C LYS A 371 31.05 -0.96 -1.17
N CYS A 372 30.02 -0.87 -2.00
CA CYS A 372 28.77 -0.26 -1.56
C CYS A 372 28.17 -1.02 -0.38
N LEU A 373 27.98 -2.34 -0.53
CA LEU A 373 27.43 -3.13 0.57
C LEU A 373 28.30 -2.99 1.82
N GLY A 374 29.62 -2.90 1.63
CA GLY A 374 30.52 -2.74 2.77
C GLY A 374 30.20 -1.54 3.63
N TYR A 375 29.68 -0.47 3.04
CA TYR A 375 29.34 0.71 3.85
C TYR A 375 28.03 0.53 4.63
N TRP A 376 27.19 -0.47 4.31
CA TRP A 376 25.91 -0.58 5.01
C TRP A 376 26.08 -1.03 6.45
N PRO A 377 26.85 -2.07 6.78
CA PRO A 377 27.08 -2.36 8.21
C PRO A 377 27.77 -1.21 8.90
N GLU A 378 28.66 -0.53 8.19
CA GLU A 378 29.42 0.56 8.77
C GLU A 378 28.51 1.71 9.17
N SER A 379 27.57 2.09 8.31
CA SER A 379 26.66 3.19 8.62
C SER A 379 25.36 2.75 9.27
N GLY A 380 25.07 1.45 9.29
CA GLY A 380 23.85 0.96 9.92
C GLY A 380 22.59 1.17 9.13
N GLY A 381 22.68 1.32 7.83
CA GLY A 381 21.52 1.64 7.01
C GLY A 381 21.67 1.09 5.62
N TYR A 382 20.94 1.72 4.69
CA TYR A 382 20.98 1.38 3.27
C TYR A 382 21.57 2.52 2.46
N CYS A 383 22.32 3.39 3.13
CA CYS A 383 22.99 4.54 2.53
C CYS A 383 22.00 5.34 1.68
N GLY A 384 22.18 5.33 0.36
CA GLY A 384 21.38 6.19 -0.50
C GLY A 384 21.97 7.55 -0.76
N VAL A 385 23.20 7.83 -0.30
CA VAL A 385 23.79 9.15 -0.51
C VAL A 385 23.82 9.50 -2.00
N CYS A 386 24.12 8.53 -2.86
CA CYS A 386 24.16 8.79 -4.30
C CYS A 386 22.81 9.27 -4.81
N VAL A 387 21.72 8.64 -4.36
CA VAL A 387 20.39 9.09 -4.73
C VAL A 387 20.11 10.49 -4.18
N ALA A 388 20.58 10.75 -2.96
CA ALA A 388 20.31 12.02 -2.31
C ALA A 388 20.99 13.19 -3.03
N VAL A 389 22.22 12.99 -3.50
CA VAL A 389 22.96 14.12 -4.05
C VAL A 389 22.76 14.27 -5.55
N CYS A 390 22.17 13.29 -6.21
CA CYS A 390 21.97 13.39 -7.65
C CYS A 390 21.09 14.60 -7.97
N PRO A 391 21.50 15.48 -8.88
CA PRO A 391 20.66 16.65 -9.18
C PRO A 391 19.28 16.28 -9.66
N PHE A 392 19.14 15.16 -10.36
CA PHE A 392 17.82 14.75 -10.82
C PHE A 392 16.87 14.42 -9.69
N THR A 393 17.37 14.13 -8.49
CA THR A 393 16.47 13.94 -7.36
C THR A 393 15.83 15.26 -6.88
N LYS A 394 16.39 16.41 -7.25
CA LYS A 394 15.70 17.67 -6.97
C LYS A 394 14.42 17.76 -7.79
N GLY A 395 13.36 18.27 -7.17
CA GLY A 395 12.10 18.42 -7.87
C GLY A 395 11.98 19.64 -8.74
N ASN A 396 13.03 20.46 -8.81
CA ASN A 396 13.01 21.76 -9.47
C ASN A 396 13.78 21.79 -10.78
N ILE A 397 14.08 20.64 -11.38
CA ILE A 397 15.14 20.63 -12.39
C ILE A 397 14.68 21.06 -13.77
N TRP A 398 13.38 21.10 -14.02
CA TRP A 398 12.86 21.30 -15.35
C TRP A 398 12.49 22.76 -15.55
N ILE A 399 12.91 23.33 -16.68
CA ILE A 399 12.44 24.64 -17.09
C ILE A 399 11.95 24.55 -18.53
N HIS A 400 11.08 25.49 -18.87
CA HIS A 400 10.54 25.62 -20.21
C HIS A 400 11.02 26.95 -20.78
N ASP A 401 11.58 26.92 -21.99
CA ASP A 401 12.10 28.16 -22.54
C ASP A 401 11.11 28.89 -23.46
N GLY A 402 9.83 28.54 -23.39
CA GLY A 402 8.84 29.06 -24.32
C GLY A 402 8.68 28.26 -25.59
N VAL A 403 9.61 27.36 -25.89
CA VAL A 403 9.48 26.42 -26.99
C VAL A 403 9.39 24.98 -26.50
N GLU A 404 10.25 24.59 -25.55
CA GLU A 404 10.33 23.19 -25.14
C GLU A 404 10.91 23.11 -23.73
N TRP A 405 10.96 21.89 -23.21
CA TRP A 405 11.53 21.64 -21.90
C TRP A 405 13.03 21.39 -22.00
N LEU A 406 13.73 21.72 -20.92
CA LEU A 406 15.16 21.46 -20.83
C LEU A 406 15.52 21.31 -19.36
N ILE A 407 16.70 20.77 -19.12
N ILE A 407 16.71 20.75 -19.12
CA ILE A 407 17.25 20.61 -17.78
CA ILE A 407 17.26 20.60 -17.78
C ILE A 407 18.05 21.86 -17.44
C ILE A 407 18.02 21.87 -17.45
N ASP A 408 17.87 22.37 -16.22
CA ASP A 408 18.61 23.53 -15.74
C ASP A 408 20.01 23.08 -15.33
N ASN A 409 21.03 23.47 -16.11
CA ASN A 409 22.40 23.05 -15.80
C ASN A 409 22.91 23.57 -14.46
N THR A 410 22.27 24.58 -13.88
CA THR A 410 22.79 25.19 -12.65
C THR A 410 22.81 24.20 -11.49
N ARG A 411 21.93 23.19 -11.51
CA ARG A 411 21.88 22.18 -10.45
C ARG A 411 23.06 21.22 -10.49
N PHE A 412 23.81 21.19 -11.57
CA PHE A 412 24.92 20.27 -11.67
C PHE A 412 26.25 20.93 -11.32
N LEU A 413 26.24 22.19 -10.90
CA LEU A 413 27.45 22.93 -10.58
C LEU A 413 28.07 22.45 -9.27
N ASN A 431 18.36 18.38 9.07
CA ASN A 431 18.47 17.38 10.13
C ASN A 431 17.17 16.59 10.34
N ILE A 432 17.30 15.47 11.05
CA ILE A 432 16.21 14.52 11.16
C ILE A 432 15.08 15.02 12.07
N THR A 433 15.41 15.82 13.10
CA THR A 433 14.35 16.44 13.91
C THR A 433 13.42 17.26 13.03
N GLU A 434 13.98 18.00 12.06
CA GLU A 434 13.15 18.85 11.21
C GLU A 434 12.29 18.03 10.27
N VAL A 435 12.76 16.84 9.88
CA VAL A 435 11.95 15.92 9.09
C VAL A 435 10.75 15.43 9.89
N TRP A 436 11.01 14.88 11.08
CA TRP A 436 9.91 14.48 11.96
C TRP A 436 8.93 15.62 12.20
N ASP A 437 9.44 16.84 12.33
CA ASP A 437 8.60 17.97 12.68
C ASP A 437 8.01 18.68 11.47
N GLY A 438 8.39 18.27 10.25
CA GLY A 438 8.06 19.02 9.07
C GLY A 438 7.00 18.38 8.21
N LYS A 439 7.02 18.75 6.93
CA LYS A 439 5.99 18.38 5.98
C LYS A 439 5.93 16.86 5.77
N ILE A 440 4.71 16.34 5.71
CA ILE A 440 4.47 14.96 5.29
C ILE A 440 3.04 14.90 4.74
N ASN A 441 2.75 13.82 4.04
CA ASN A 441 1.44 13.61 3.44
C ASN A 441 1.33 12.13 3.13
N THR A 442 0.19 11.73 2.57
CA THR A 442 -0.14 10.31 2.46
C THR A 442 0.92 9.57 1.66
N TYR A 443 1.40 8.45 2.22
CA TYR A 443 2.45 7.62 1.60
C TYR A 443 3.75 8.38 1.40
N GLY A 444 3.93 9.49 2.13
CA GLY A 444 5.07 10.36 1.95
C GLY A 444 5.13 11.05 0.61
N LEU A 445 4.05 11.00 -0.18
CA LEU A 445 3.98 11.73 -1.44
C LEU A 445 3.90 13.23 -1.15
N ASP A 446 4.27 14.03 -2.15
CA ASP A 446 4.37 15.48 -2.03
C ASP A 446 3.30 16.15 -2.88
N ALA A 447 2.37 16.86 -2.24
CA ALA A 447 1.28 17.47 -3.00
C ALA A 447 1.75 18.56 -3.97
N ASP A 448 2.92 19.18 -3.74
CA ASP A 448 3.43 20.17 -4.67
C ASP A 448 3.92 19.56 -5.99
N HIS A 449 4.14 18.25 -6.03
CA HIS A 449 4.54 17.58 -7.26
C HIS A 449 3.57 16.51 -7.72
N PHE A 450 2.53 16.22 -6.92
CA PHE A 450 1.64 15.08 -7.19
C PHE A 450 0.90 15.24 -8.51
N ARG A 451 0.76 16.47 -9.01
CA ARG A 451 0.17 16.70 -10.32
C ARG A 451 1.02 16.11 -11.44
N ASP A 452 2.32 15.91 -11.22
CA ASP A 452 3.17 15.41 -12.27
C ASP A 452 2.77 14.00 -12.71
N THR A 453 2.05 13.26 -11.86
CA THR A 453 1.72 11.88 -12.21
C THR A 453 0.23 11.69 -12.42
N VAL A 454 -0.52 12.79 -12.64
CA VAL A 454 -1.90 12.65 -13.06
C VAL A 454 -1.92 12.00 -14.45
N SER A 455 -2.92 11.16 -14.67
CA SER A 455 -2.95 10.35 -15.88
C SER A 455 -4.34 10.38 -16.49
N PHE A 456 -4.38 10.58 -17.81
CA PHE A 456 -5.56 10.42 -18.63
C PHE A 456 -5.30 9.33 -19.67
N ARG A 457 -6.35 8.91 -20.38
CA ARG A 457 -6.17 7.84 -21.37
C ARG A 457 -5.06 8.16 -22.36
N LYS A 458 -4.96 9.43 -22.79
CA LYS A 458 -4.01 9.78 -23.83
C LYS A 458 -2.56 9.48 -23.44
N ASP A 459 -2.23 9.50 -22.15
CA ASP A 459 -0.87 9.15 -21.74
C ASP A 459 -0.73 7.72 -21.23
N ARG A 460 -1.83 6.94 -21.17
CA ARG A 460 -1.69 5.51 -20.89
C ARG A 460 -1.49 4.68 -22.15
N VAL A 461 -2.12 5.05 -23.25
CA VAL A 461 -1.98 4.28 -24.49
C VAL A 461 -2.23 5.24 -25.65
N LYS A 462 -1.53 5.01 -26.76
CA LYS A 462 -1.57 5.93 -27.91
C LYS A 462 -2.12 5.28 -29.18
N ALA B 7 -6.80 23.55 4.76
CA ALA B 7 -7.75 22.77 5.55
C ALA B 7 -7.32 22.71 7.01
N ALA B 8 -6.03 22.93 7.25
CA ALA B 8 -5.52 22.90 8.63
C ALA B 8 -6.11 24.03 9.47
N GLU B 9 -6.45 25.15 8.83
CA GLU B 9 -7.10 26.23 9.54
C GLU B 9 -8.59 25.94 9.76
N ILE B 10 -9.25 25.33 8.76
CA ILE B 10 -10.67 24.99 8.90
C ILE B 10 -10.88 24.10 10.12
N ARG B 11 -9.99 23.12 10.32
CA ARG B 11 -10.21 22.17 11.41
C ARG B 11 -10.07 22.84 12.77
N GLN B 12 -9.09 23.72 12.94
CA GLN B 12 -8.98 24.43 14.22
C GLN B 12 -10.08 25.45 14.40
N GLN B 13 -10.53 26.08 13.31
CA GLN B 13 -11.67 26.98 13.42
C GLN B 13 -12.89 26.25 13.97
N PHE B 14 -13.04 24.97 13.65
CA PHE B 14 -14.23 24.23 14.03
C PHE B 14 -13.99 23.29 15.20
N ALA B 15 -12.88 23.44 15.91
CA ALA B 15 -12.62 22.61 17.08
C ALA B 15 -13.62 22.91 18.19
N MET B 16 -14.13 21.86 18.81
CA MET B 16 -14.97 21.96 19.99
C MET B 16 -14.12 21.83 21.24
N THR B 17 -14.73 22.15 22.38
CA THR B 17 -14.19 21.81 23.68
C THR B 17 -14.01 20.29 23.80
N ALA B 18 -13.20 19.87 24.76
CA ALA B 18 -13.00 18.44 25.00
C ALA B 18 -14.29 17.80 25.50
N GLY B 19 -14.46 16.52 25.17
CA GLY B 19 -15.63 15.76 25.58
C GLY B 19 -16.31 15.04 24.44
N SER B 20 -16.65 13.76 24.62
CA SER B 20 -17.30 13.03 23.56
C SER B 20 -18.59 13.74 23.13
N PRO B 21 -18.76 14.05 21.85
CA PRO B 21 -20.01 14.67 21.38
C PRO B 21 -21.16 13.70 21.14
N ILE B 22 -21.02 12.42 21.48
CA ILE B 22 -22.08 11.44 21.29
C ILE B 22 -22.94 11.42 22.55
N ILE B 23 -24.20 11.80 22.43
CA ILE B 23 -25.09 11.85 23.58
C ILE B 23 -25.73 10.48 23.77
N VAL B 24 -25.61 9.95 24.98
CA VAL B 24 -26.14 8.64 25.33
C VAL B 24 -27.14 8.82 26.46
N ASN B 25 -27.86 7.76 26.78
CA ASN B 25 -28.72 7.72 27.96
C ASN B 25 -28.33 6.50 28.80
N ASP B 26 -29.11 6.25 29.85
CA ASP B 26 -28.80 5.18 30.80
C ASP B 26 -29.11 3.78 30.27
N LYS B 27 -29.68 3.68 29.07
CA LYS B 27 -30.01 2.39 28.46
C LYS B 27 -28.88 1.80 27.64
N LEU B 28 -27.89 2.60 27.25
CA LEU B 28 -26.87 2.16 26.30
C LEU B 28 -26.11 0.94 26.83
N GLU B 29 -25.94 -0.06 25.96
CA GLU B 29 -25.12 -1.22 26.25
C GLU B 29 -24.18 -1.48 25.08
N ARG B 30 -23.04 -2.11 25.39
CA ARG B 30 -22.15 -2.55 24.32
C ARG B 30 -22.87 -3.51 23.40
N TYR B 31 -22.42 -3.54 22.15
CA TYR B 31 -23.15 -4.15 21.04
C TYR B 31 -22.40 -5.39 20.57
N ALA B 32 -23.14 -6.51 20.44
CA ALA B 32 -22.57 -7.76 19.94
C ALA B 32 -22.39 -7.66 18.42
N GLU B 33 -21.15 -7.86 17.95
CA GLU B 33 -20.85 -7.72 16.53
C GLU B 33 -21.76 -8.58 15.65
N VAL B 34 -22.14 -9.78 16.13
CA VAL B 34 -23.00 -10.66 15.33
C VAL B 34 -24.30 -9.98 14.90
N ARG B 35 -24.66 -8.88 15.57
CA ARG B 35 -25.91 -8.20 15.26
C ARG B 35 -25.86 -7.47 13.91
N THR B 36 -24.68 -7.17 13.38
CA THR B 36 -24.63 -6.42 12.13
C THR B 36 -25.34 -7.20 11.03
N ALA B 37 -25.84 -6.45 10.04
CA ALA B 37 -26.61 -7.10 8.97
C ALA B 37 -25.77 -8.10 8.18
N PHE B 38 -24.45 -7.86 8.06
CA PHE B 38 -23.57 -8.78 7.35
C PHE B 38 -23.55 -10.16 7.96
N THR B 39 -23.74 -10.27 9.28
CA THR B 39 -23.55 -11.52 10.00
C THR B 39 -24.80 -12.08 10.66
N HIS B 40 -25.80 -11.27 10.95
CA HIS B 40 -26.91 -11.77 11.74
C HIS B 40 -27.74 -12.76 10.93
N PRO B 41 -28.17 -13.87 11.55
CA PRO B 41 -28.95 -14.87 10.79
C PRO B 41 -30.26 -14.34 10.21
N THR B 42 -30.88 -13.33 10.84
CA THR B 42 -32.10 -12.77 10.26
C THR B 42 -31.84 -12.08 8.93
N SER B 43 -30.61 -11.61 8.69
CA SER B 43 -30.30 -10.83 7.49
C SER B 43 -29.27 -11.47 6.55
N PHE B 44 -28.66 -12.58 6.95
CA PHE B 44 -27.51 -13.10 6.22
C PHE B 44 -27.90 -13.73 4.88
N PHE B 45 -29.09 -14.34 4.80
CA PHE B 45 -29.54 -15.03 3.59
C PHE B 45 -30.44 -14.11 2.78
N LYS B 46 -30.25 -14.14 1.45
CA LYS B 46 -30.98 -13.32 0.49
C LYS B 46 -31.15 -14.11 -0.80
N PRO B 47 -32.26 -13.93 -1.51
CA PRO B 47 -32.42 -14.64 -2.78
C PRO B 47 -31.58 -14.00 -3.87
N ASN B 48 -31.11 -14.84 -4.79
CA ASN B 48 -30.48 -14.35 -6.01
C ASN B 48 -31.56 -14.04 -7.05
N TYR B 49 -31.13 -13.66 -8.25
CA TYR B 49 -32.09 -13.28 -9.29
C TYR B 49 -32.90 -14.46 -9.79
N LYS B 50 -32.38 -15.69 -9.65
CA LYS B 50 -33.12 -16.89 -10.02
C LYS B 50 -34.14 -17.29 -8.95
N GLY B 51 -34.15 -16.64 -7.79
CA GLY B 51 -34.98 -17.06 -6.68
C GLY B 51 -34.27 -17.89 -5.61
N GLU B 52 -33.04 -18.35 -5.88
CA GLU B 52 -32.35 -19.22 -4.93
C GLU B 52 -31.86 -18.44 -3.72
N VAL B 53 -32.13 -18.94 -2.52
CA VAL B 53 -31.73 -18.28 -1.28
C VAL B 53 -30.34 -18.74 -0.89
N LYS B 54 -29.43 -17.79 -0.68
CA LYS B 54 -28.04 -18.10 -0.43
C LYS B 54 -27.49 -17.07 0.56
N PRO B 55 -26.29 -17.33 1.11
CA PRO B 55 -25.54 -16.23 1.75
C PRO B 55 -25.51 -15.02 0.82
N TRP B 56 -25.79 -13.85 1.39
CA TRP B 56 -26.03 -12.66 0.58
C TRP B 56 -24.91 -12.40 -0.42
N PHE B 57 -23.66 -12.61 -0.03
CA PHE B 57 -22.59 -12.26 -0.97
C PHE B 57 -22.55 -13.25 -2.12
N LEU B 58 -22.98 -14.50 -1.89
CA LEU B 58 -23.04 -15.47 -2.97
C LEU B 58 -24.17 -15.14 -3.94
N SER B 59 -25.32 -14.71 -3.43
CA SER B 59 -26.34 -14.19 -4.33
C SER B 59 -25.81 -13.00 -5.11
N ALA B 60 -25.00 -12.14 -4.42
CA ALA B 60 -24.41 -10.99 -5.10
C ALA B 60 -23.41 -11.43 -6.18
N TYR B 61 -22.62 -12.46 -5.88
CA TYR B 61 -21.78 -13.06 -6.91
C TYR B 61 -22.59 -13.42 -8.16
N ASP B 62 -23.72 -14.12 -7.95
CA ASP B 62 -24.53 -14.56 -9.08
C ASP B 62 -24.95 -13.37 -9.95
N GLU B 63 -25.28 -12.23 -9.32
CA GLU B 63 -25.64 -11.05 -10.09
C GLU B 63 -24.45 -10.49 -10.86
N LYS B 64 -23.26 -10.48 -10.25
CA LYS B 64 -22.06 -10.01 -10.98
C LYS B 64 -21.81 -10.87 -12.23
N VAL B 65 -21.97 -12.19 -12.11
CA VAL B 65 -21.81 -13.08 -13.26
C VAL B 65 -22.84 -12.77 -14.34
N ARG B 66 -24.10 -12.62 -13.93
CA ARG B 66 -25.16 -12.33 -14.89
C ARG B 66 -24.91 -10.99 -15.58
N GLN B 67 -24.45 -9.99 -14.84
CA GLN B 67 -24.17 -8.69 -15.46
C GLN B 67 -23.05 -8.79 -16.48
N ILE B 68 -21.97 -9.52 -16.15
CA ILE B 68 -20.85 -9.64 -17.09
C ILE B 68 -21.33 -10.30 -18.38
N GLU B 69 -22.06 -11.42 -18.24
CA GLU B 69 -22.60 -12.11 -19.40
C GLU B 69 -23.46 -11.18 -20.25
N ASN B 70 -24.20 -10.28 -19.59
CA ASN B 70 -25.08 -9.34 -20.29
C ASN B 70 -24.41 -8.01 -20.58
N GLY B 71 -23.09 -7.90 -20.38
CA GLY B 71 -22.40 -6.66 -20.68
C GLY B 71 -22.97 -5.48 -19.92
N GLU B 72 -23.09 -5.63 -18.61
CA GLU B 72 -23.61 -4.58 -17.73
C GLU B 72 -22.61 -4.27 -16.62
N ASN B 73 -22.50 -2.99 -16.27
CA ASN B 73 -21.66 -2.53 -15.17
C ASN B 73 -22.41 -2.44 -13.86
N GLY B 74 -23.69 -2.78 -13.84
CA GLY B 74 -24.57 -2.59 -12.70
C GLY B 74 -25.98 -3.01 -13.07
N PRO B 75 -26.95 -2.82 -12.15
CA PRO B 75 -28.33 -3.27 -12.42
C PRO B 75 -28.93 -2.53 -13.60
N LYS B 76 -29.21 -3.27 -14.68
CA LYS B 76 -29.69 -2.70 -15.95
C LYS B 76 -28.94 -1.41 -16.31
N MET B 77 -27.62 -1.41 -16.11
CA MET B 77 -26.73 -0.35 -16.57
C MET B 77 -25.80 -0.99 -17.60
N LYS B 78 -26.08 -0.75 -18.87
CA LYS B 78 -25.31 -1.37 -19.94
C LYS B 78 -23.88 -0.85 -19.94
N ALA B 79 -22.92 -1.77 -20.09
CA ALA B 79 -21.54 -1.37 -20.25
C ALA B 79 -21.27 -1.07 -21.72
N LYS B 80 -20.11 -0.49 -21.99
CA LYS B 80 -19.70 -0.32 -23.38
C LYS B 80 -19.71 -1.66 -24.12
N ASN B 81 -19.30 -2.74 -23.44
CA ASN B 81 -19.31 -4.09 -24.00
C ASN B 81 -19.06 -5.06 -22.85
N VAL B 82 -18.95 -6.35 -23.19
CA VAL B 82 -18.69 -7.35 -22.17
C VAL B 82 -17.29 -7.18 -21.58
N GLY B 83 -16.32 -6.82 -22.42
CA GLY B 83 -14.97 -6.59 -21.92
C GLY B 83 -14.92 -5.56 -20.81
N GLU B 84 -15.62 -4.45 -20.99
CA GLU B 84 -15.63 -3.41 -19.96
C GLU B 84 -16.28 -3.92 -18.68
N ALA B 85 -17.42 -4.61 -18.81
CA ALA B 85 -18.09 -5.21 -17.66
C ALA B 85 -17.14 -6.13 -16.90
N ARG B 86 -16.38 -6.95 -17.63
CA ARG B 86 -15.41 -7.85 -17.02
C ARG B 86 -14.32 -7.08 -16.29
N ALA B 87 -13.86 -5.97 -16.87
CA ALA B 87 -12.76 -5.23 -16.26
C ALA B 87 -13.15 -4.64 -14.92
N GLY B 88 -14.35 -4.07 -14.83
CA GLY B 88 -14.78 -3.50 -13.57
C GLY B 88 -14.83 -4.53 -12.45
N ARG B 89 -15.35 -5.71 -12.76
CA ARG B 89 -15.45 -6.74 -11.73
C ARG B 89 -14.08 -7.31 -11.40
N ALA B 90 -13.21 -7.43 -12.40
CA ALA B 90 -11.84 -7.88 -12.15
C ALA B 90 -11.10 -6.89 -11.24
N LEU B 91 -11.34 -5.59 -11.43
CA LEU B 91 -10.68 -4.58 -10.61
C LEU B 91 -11.21 -4.60 -9.18
N GLU B 92 -12.54 -4.72 -9.04
CA GLU B 92 -13.14 -4.86 -7.71
C GLU B 92 -12.58 -6.08 -6.98
N ALA B 93 -12.61 -7.25 -7.63
CA ALA B 93 -12.13 -8.46 -6.97
C ALA B 93 -10.68 -8.31 -6.55
N ALA B 94 -9.86 -7.73 -7.41
CA ALA B 94 -8.43 -7.56 -7.11
C ALA B 94 -8.21 -6.64 -5.91
N GLY B 95 -9.05 -5.63 -5.76
CA GLY B 95 -8.82 -4.65 -4.72
C GLY B 95 -8.83 -5.26 -3.33
N TRP B 96 -9.55 -6.37 -3.15
CA TRP B 96 -9.74 -7.05 -1.87
C TRP B 96 -8.57 -7.94 -1.47
N THR B 97 -7.43 -7.87 -2.18
CA THR B 97 -6.38 -8.89 -2.05
C THR B 97 -5.87 -9.01 -0.61
N LEU B 98 -5.75 -7.90 0.10
CA LEU B 98 -5.19 -7.90 1.45
C LEU B 98 -6.27 -7.78 2.52
N ASP B 99 -7.43 -8.40 2.29
CA ASP B 99 -8.56 -8.33 3.20
C ASP B 99 -9.20 -9.71 3.29
N ILE B 100 -9.54 -10.12 4.51
CA ILE B 100 -10.08 -11.45 4.76
C ILE B 100 -11.60 -11.34 4.88
N ASN B 101 -12.32 -12.08 4.02
CA ASN B 101 -13.78 -12.24 4.10
C ASN B 101 -14.53 -10.93 4.35
N TYR B 102 -14.14 -9.90 3.59
CA TYR B 102 -14.84 -8.61 3.52
C TYR B 102 -14.84 -7.89 4.87
N GLY B 103 -13.65 -7.40 5.26
CA GLY B 103 -13.55 -6.47 6.37
C GLY B 103 -12.53 -6.77 7.45
N ASN B 104 -11.86 -7.93 7.39
CA ASN B 104 -10.83 -8.32 8.36
C ASN B 104 -11.37 -8.29 9.79
N ILE B 105 -12.60 -8.76 10.00
CA ILE B 105 -13.23 -8.50 11.29
C ILE B 105 -12.73 -9.47 12.38
N TYR B 106 -12.28 -10.68 12.02
CA TYR B 106 -11.90 -11.61 13.08
C TYR B 106 -10.68 -11.08 13.81
N PRO B 107 -10.77 -10.72 15.09
CA PRO B 107 -9.60 -10.20 15.79
C PRO B 107 -8.55 -11.29 15.98
N ASN B 108 -7.28 -10.88 15.92
CA ASN B 108 -6.14 -11.77 16.20
C ASN B 108 -6.15 -12.99 15.26
N ARG B 109 -6.52 -12.74 14.00
CA ARG B 109 -6.48 -13.76 12.96
C ARG B 109 -5.91 -13.15 11.68
N PHE B 110 -5.19 -13.97 10.91
CA PHE B 110 -4.62 -13.58 9.63
C PHE B 110 -3.81 -12.29 9.73
N PHE B 111 -4.30 -11.18 9.15
CA PHE B 111 -3.58 -9.90 9.18
C PHE B 111 -3.77 -9.15 10.49
N MET B 112 -4.80 -9.48 11.26
CA MET B 112 -5.16 -8.70 12.43
C MET B 112 -4.55 -9.22 13.73
N LEU B 113 -3.29 -9.63 13.71
CA LEU B 113 -2.65 -10.19 14.89
C LEU B 113 -2.49 -9.14 16.01
N TRP B 114 -2.88 -9.53 17.22
CA TRP B 114 -2.81 -8.65 18.39
C TRP B 114 -1.42 -8.59 19.02
N SER B 115 -0.51 -9.46 18.61
CA SER B 115 0.90 -9.37 18.95
C SER B 115 1.71 -9.45 17.66
N GLY B 116 2.84 -8.74 17.62
CA GLY B 116 3.72 -8.85 16.48
C GLY B 116 4.65 -10.06 16.46
N GLU B 117 4.61 -10.88 17.51
CA GLU B 117 5.70 -11.82 17.78
C GLU B 117 5.89 -12.86 16.68
N THR B 118 4.83 -13.29 15.99
CA THR B 118 4.96 -14.33 14.98
C THR B 118 5.12 -13.79 13.56
N MET B 119 5.12 -12.46 13.40
CA MET B 119 5.18 -11.89 12.06
C MET B 119 6.57 -12.06 11.47
N THR B 120 6.61 -12.29 10.15
CA THR B 120 7.90 -12.46 9.47
C THR B 120 8.77 -11.22 9.65
N ASN B 121 8.17 -10.03 9.58
CA ASN B 121 8.93 -8.80 9.77
C ASN B 121 9.55 -8.75 11.17
N THR B 122 8.76 -9.10 12.19
CA THR B 122 9.29 -9.10 13.57
C THR B 122 10.42 -10.11 13.72
N GLN B 123 10.27 -11.31 13.14
CA GLN B 123 11.32 -12.32 13.24
C GLN B 123 12.61 -11.83 12.59
N LEU B 124 12.51 -11.30 11.37
CA LEU B 124 13.68 -10.78 10.67
C LEU B 124 14.39 -9.71 11.49
N TRP B 125 13.63 -8.89 12.21
CA TRP B 125 14.19 -7.78 12.96
C TRP B 125 14.45 -8.13 14.41
N ALA B 126 14.19 -9.38 14.81
CA ALA B 126 14.35 -9.77 16.21
C ALA B 126 15.71 -9.40 16.82
N PRO B 127 16.85 -9.56 16.14
CA PRO B 127 18.12 -9.25 16.79
C PRO B 127 18.25 -7.79 17.25
N VAL B 128 17.56 -6.85 16.61
CA VAL B 128 17.62 -5.47 17.07
C VAL B 128 16.81 -5.28 18.35
N GLY B 129 15.81 -6.12 18.60
CA GLY B 129 15.08 -6.07 19.86
C GLY B 129 14.24 -4.84 20.09
N LEU B 130 13.78 -4.17 19.02
CA LEU B 130 12.97 -2.97 19.18
C LEU B 130 11.66 -3.26 19.91
N ASP B 131 11.10 -4.45 19.71
CA ASP B 131 9.83 -4.76 20.33
C ASP B 131 9.99 -5.27 21.77
N ARG B 132 11.18 -5.73 22.14
CA ARG B 132 11.47 -6.11 23.53
C ARG B 132 12.00 -4.96 24.37
N ARG B 133 12.42 -3.86 23.74
CA ARG B 133 13.12 -2.78 24.43
C ARG B 133 12.10 -1.80 25.03
N PRO B 134 12.22 -1.44 26.31
CA PRO B 134 11.26 -0.51 26.91
C PRO B 134 11.21 0.78 26.12
N PRO B 135 10.12 1.53 26.23
CA PRO B 135 10.03 2.81 25.49
C PRO B 135 11.15 3.76 25.90
N ASP B 136 11.73 4.43 24.92
CA ASP B 136 12.64 5.54 25.17
C ASP B 136 11.93 6.87 25.24
N THR B 137 10.65 6.90 24.88
CA THR B 137 9.87 8.12 24.85
C THR B 137 8.53 7.82 25.50
N THR B 138 8.22 8.53 26.58
CA THR B 138 6.93 8.40 27.25
C THR B 138 6.12 9.69 27.19
N ASP B 139 6.70 10.73 26.63
CA ASP B 139 6.08 12.03 26.45
C ASP B 139 4.94 11.97 25.44
N PRO B 140 3.69 12.17 25.85
CA PRO B 140 2.57 12.06 24.89
C PRO B 140 2.62 13.09 23.77
N VAL B 141 3.30 14.21 23.97
CA VAL B 141 3.40 15.22 22.90
C VAL B 141 4.31 14.73 21.79
N GLU B 142 5.52 14.29 22.14
CA GLU B 142 6.42 13.75 21.12
C GLU B 142 5.81 12.51 20.47
N LEU B 143 5.24 11.61 21.28
CA LEU B 143 4.69 10.37 20.77
C LEU B 143 3.55 10.64 19.79
N THR B 144 2.74 11.68 20.05
CA THR B 144 1.63 11.97 19.16
C THR B 144 2.13 12.46 17.81
N ASN B 145 3.21 13.23 17.82
CA ASN B 145 3.83 13.68 16.57
C ASN B 145 4.46 12.52 15.81
N TYR B 146 5.17 11.64 16.53
CA TYR B 146 5.79 10.49 15.88
C TYR B 146 4.75 9.58 15.26
N VAL B 147 3.70 9.22 16.03
CA VAL B 147 2.77 8.21 15.56
C VAL B 147 1.90 8.74 14.43
N LYS B 148 1.67 10.06 14.40
CA LYS B 148 0.90 10.64 13.29
C LYS B 148 1.75 10.74 12.02
N PHE B 149 3.03 11.06 12.16
CA PHE B 149 3.93 10.99 11.01
C PHE B 149 3.89 9.58 10.42
N ALA B 150 4.04 8.57 11.28
CA ALA B 150 4.02 7.18 10.82
C ALA B 150 2.69 6.84 10.16
N ALA B 151 1.59 7.32 10.73
CA ALA B 151 0.27 7.05 10.17
C ALA B 151 0.16 7.54 8.72
N ARG B 152 0.72 8.72 8.45
CA ARG B 152 0.70 9.26 7.10
C ARG B 152 1.55 8.41 6.16
N MET B 153 2.75 8.02 6.60
CA MET B 153 3.56 7.06 5.85
C MET B 153 2.76 5.80 5.56
N ALA B 154 1.97 5.35 6.53
CA ALA B 154 1.23 4.11 6.40
C ALA B 154 -0.02 4.27 5.55
N GLY B 155 -0.23 5.42 4.90
CA GLY B 155 -1.33 5.55 3.96
C GLY B 155 -2.58 6.22 4.48
N ALA B 156 -2.57 6.73 5.72
CA ALA B 156 -3.73 7.48 6.19
C ALA B 156 -3.77 8.85 5.55
N ASP B 157 -4.94 9.24 5.07
CA ASP B 157 -5.15 10.61 4.61
C ASP B 157 -5.60 11.51 5.75
N LEU B 158 -6.23 10.94 6.76
CA LEU B 158 -6.57 11.62 7.99
C LEU B 158 -6.12 10.74 9.15
N VAL B 159 -5.83 11.37 10.29
CA VAL B 159 -5.48 10.63 11.50
C VAL B 159 -5.90 11.45 12.71
N GLY B 160 -6.53 10.78 13.68
CA GLY B 160 -6.90 11.43 14.92
C GLY B 160 -6.70 10.49 16.09
N VAL B 161 -6.60 11.08 17.28
CA VAL B 161 -6.44 10.35 18.53
C VAL B 161 -7.63 10.64 19.43
N ALA B 162 -8.13 9.61 20.11
CA ALA B 162 -9.12 9.78 21.16
C ALA B 162 -8.79 8.85 22.32
N ARG B 163 -9.27 9.21 23.51
CA ARG B 163 -9.37 8.23 24.58
C ARG B 163 -10.30 7.13 24.13
N LEU B 164 -10.01 5.90 24.54
CA LEU B 164 -10.82 4.76 24.12
C LEU B 164 -12.11 4.71 24.94
N ASN B 165 -13.22 4.99 24.26
CA ASN B 165 -14.55 4.83 24.85
C ASN B 165 -14.97 3.37 24.67
N ARG B 166 -15.06 2.63 25.77
CA ARG B 166 -15.42 1.23 25.71
C ARG B 166 -16.85 0.99 25.24
N ASN B 167 -17.68 2.03 25.16
CA ASN B 167 -19.05 1.87 24.68
C ASN B 167 -19.12 1.43 23.24
N TRP B 168 -18.10 1.72 22.45
CA TRP B 168 -18.12 1.41 21.03
C TRP B 168 -17.32 0.17 20.69
N VAL B 169 -16.72 -0.46 21.68
CA VAL B 169 -16.08 -1.75 21.50
C VAL B 169 -17.14 -2.84 21.52
N TYR B 170 -17.10 -3.74 20.54
CA TYR B 170 -18.12 -4.79 20.48
C TYR B 170 -18.10 -5.57 21.77
N SER B 171 -19.30 -5.94 22.25
CA SER B 171 -19.33 -6.74 23.46
C SER B 171 -18.79 -8.14 23.18
N GLU B 172 -19.05 -8.65 22.00
CA GLU B 172 -18.53 -9.93 21.55
C GLU B 172 -18.17 -9.79 20.08
N ALA B 173 -17.04 -10.37 19.70
CA ALA B 173 -16.56 -10.31 18.32
C ALA B 173 -17.04 -11.52 17.55
N VAL B 174 -17.15 -11.36 16.23
CA VAL B 174 -17.25 -12.50 15.32
C VAL B 174 -15.85 -12.94 14.92
N THR B 175 -15.54 -14.21 15.09
CA THR B 175 -14.20 -14.68 14.78
C THR B 175 -14.30 -16.15 14.39
N ILE B 176 -13.15 -16.80 14.27
CA ILE B 176 -13.08 -18.24 13.99
C ILE B 176 -12.14 -18.87 15.00
N PRO B 177 -12.25 -20.18 15.23
CA PRO B 177 -11.26 -20.85 16.08
C PRO B 177 -9.88 -20.76 15.47
N ALA B 178 -8.87 -20.74 16.34
CA ALA B 178 -7.52 -20.32 15.95
C ALA B 178 -6.90 -21.26 14.95
N ASP B 179 -7.17 -22.55 15.07
CA ASP B 179 -6.56 -23.55 14.21
C ASP B 179 -7.42 -23.89 12.99
N VAL B 180 -8.45 -23.10 12.71
CA VAL B 180 -9.30 -23.43 11.56
C VAL B 180 -8.66 -22.86 10.30
N PRO B 181 -8.44 -23.68 9.28
CA PRO B 181 -7.81 -23.18 8.04
C PRO B 181 -8.74 -22.22 7.31
N TYR B 182 -8.14 -21.32 6.52
CA TYR B 182 -8.93 -20.30 5.84
C TYR B 182 -10.13 -20.90 5.11
N GLU B 183 -9.92 -22.03 4.43
CA GLU B 183 -10.98 -22.59 3.56
C GLU B 183 -12.24 -22.97 4.33
N GLN B 184 -12.16 -23.16 5.64
CA GLN B 184 -13.36 -23.44 6.42
C GLN B 184 -13.87 -22.22 7.18
N SER B 185 -13.20 -21.06 7.06
CA SER B 185 -13.47 -19.94 7.96
C SER B 185 -14.92 -19.50 7.91
N LEU B 186 -15.45 -19.32 6.70
CA LEU B 186 -16.82 -18.82 6.54
C LEU B 186 -17.86 -19.75 7.18
N HIS B 187 -17.55 -21.05 7.28
CA HIS B 187 -18.50 -22.02 7.81
C HIS B 187 -18.35 -22.23 9.30
N LYS B 188 -17.32 -21.67 9.93
CA LYS B 188 -17.03 -21.93 11.33
C LYS B 188 -16.86 -20.64 12.13
N GLU B 189 -17.55 -19.57 11.74
CA GLU B 189 -17.53 -18.34 12.50
C GLU B 189 -18.24 -18.52 13.84
N ILE B 190 -17.70 -17.86 14.87
CA ILE B 190 -18.23 -17.95 16.23
C ILE B 190 -18.25 -16.58 16.89
N GLU B 191 -18.98 -16.49 18.00
N GLU B 191 -18.91 -16.52 18.05
CA GLU B 191 -18.94 -15.31 18.85
CA GLU B 191 -18.99 -15.31 18.87
C GLU B 191 -17.90 -15.49 19.94
C GLU B 191 -18.06 -15.45 20.08
N LYS B 192 -17.30 -14.39 20.37
CA LYS B 192 -16.32 -14.42 21.43
C LYS B 192 -16.26 -13.10 22.20
N PRO B 193 -16.37 -13.14 23.53
CA PRO B 193 -16.40 -11.90 24.31
C PRO B 193 -15.09 -11.14 24.24
N ILE B 194 -15.22 -9.81 24.23
CA ILE B 194 -14.09 -8.90 24.35
C ILE B 194 -14.20 -8.26 25.73
N VAL B 195 -13.20 -8.49 26.58
CA VAL B 195 -13.23 -8.02 27.95
C VAL B 195 -11.95 -7.26 28.26
N PHE B 196 -12.01 -6.43 29.29
CA PHE B 196 -10.88 -5.64 29.77
C PHE B 196 -10.45 -6.17 31.13
N LYS B 197 -9.14 -6.38 31.29
CA LYS B 197 -8.61 -7.01 32.50
C LYS B 197 -7.25 -6.41 32.81
N ASP B 198 -6.80 -6.65 34.05
CA ASP B 198 -5.49 -6.20 34.51
C ASP B 198 -4.45 -7.20 34.05
N VAL B 199 -4.05 -7.05 32.79
CA VAL B 199 -3.02 -7.88 32.20
C VAL B 199 -1.99 -6.97 31.54
N PRO B 200 -0.74 -7.43 31.38
CA PRO B 200 0.29 -6.58 30.76
C PRO B 200 0.05 -6.33 29.28
N LEU B 201 -0.30 -7.38 28.54
CA LEU B 201 -0.37 -7.36 27.09
C LEU B 201 -1.75 -7.81 26.62
N PRO B 202 -2.14 -7.42 25.41
CA PRO B 202 -3.35 -7.99 24.80
C PRO B 202 -3.16 -9.50 24.62
N ILE B 203 -4.18 -10.26 25.01
CA ILE B 203 -4.05 -11.72 25.05
C ILE B 203 -5.38 -12.34 24.67
N GLU B 204 -5.32 -13.51 24.03
CA GLU B 204 -6.50 -14.28 23.67
C GLU B 204 -6.42 -15.65 24.32
N THR B 205 -7.44 -16.00 25.11
CA THR B 205 -7.58 -17.34 25.67
C THR B 205 -8.62 -18.11 24.87
N ASP B 206 -8.84 -19.37 25.23
CA ASP B 206 -9.89 -20.15 24.59
C ASP B 206 -11.24 -19.45 24.68
N ASP B 207 -11.45 -18.65 25.73
CA ASP B 207 -12.75 -18.08 26.04
C ASP B 207 -12.87 -16.60 25.71
N GLU B 208 -11.81 -15.79 25.78
CA GLU B 208 -11.99 -14.36 25.63
C GLU B 208 -10.84 -13.69 24.89
N LEU B 209 -11.22 -12.64 24.14
CA LEU B 209 -10.29 -11.61 23.69
C LEU B 209 -10.10 -10.60 24.83
N ILE B 210 -8.88 -10.51 25.36
CA ILE B 210 -8.62 -9.70 26.55
C ILE B 210 -7.81 -8.48 26.14
N ILE B 211 -8.44 -7.31 26.23
CA ILE B 211 -7.76 -6.03 26.07
C ILE B 211 -7.26 -5.56 27.43
N PRO B 212 -5.99 -5.16 27.57
CA PRO B 212 -5.52 -4.64 28.86
C PRO B 212 -6.26 -3.38 29.27
N ASN B 213 -6.47 -3.23 30.58
CA ASN B 213 -7.00 -1.98 31.12
C ASN B 213 -6.09 -0.79 30.83
N THR B 214 -4.79 -1.02 30.62
CA THR B 214 -3.90 0.06 30.25
C THR B 214 -4.16 0.61 28.85
N CYS B 215 -4.95 -0.09 28.03
CA CYS B 215 -5.15 0.31 26.64
C CYS B 215 -5.97 1.58 26.58
N GLU B 216 -5.29 2.72 26.64
CA GLU B 216 -5.95 3.99 26.91
C GLU B 216 -6.50 4.68 25.66
N ASN B 217 -5.90 4.45 24.50
CA ASN B 217 -6.10 5.33 23.35
C ASN B 217 -6.50 4.54 22.11
N VAL B 218 -7.16 5.24 21.20
CA VAL B 218 -7.45 4.72 19.88
C VAL B 218 -6.95 5.72 18.86
N ILE B 219 -6.30 5.21 17.82
CA ILE B 219 -5.82 6.01 16.70
C ILE B 219 -6.74 5.70 15.53
N VAL B 220 -7.42 6.71 15.00
CA VAL B 220 -8.37 6.53 13.90
C VAL B 220 -7.76 7.10 12.62
N ALA B 221 -7.76 6.28 11.56
CA ALA B 221 -7.32 6.69 10.24
C ALA B 221 -8.50 6.86 9.31
N GLY B 222 -8.45 7.91 8.50
CA GLY B 222 -9.32 8.04 7.35
C GLY B 222 -8.50 7.76 6.09
N ILE B 223 -9.10 7.01 5.18
CA ILE B 223 -8.41 6.47 3.99
C ILE B 223 -9.29 6.82 2.81
N ALA B 224 -8.84 7.79 2.01
CA ALA B 224 -9.75 8.46 1.08
C ALA B 224 -10.01 7.63 -0.17
N MET B 225 -11.27 7.62 -0.58
CA MET B 225 -11.76 6.88 -1.74
C MET B 225 -11.79 7.81 -2.95
N ASN B 226 -11.87 7.22 -4.14
CA ASN B 226 -11.83 8.01 -5.35
C ASN B 226 -13.22 8.55 -5.69
N ARG B 227 -13.29 9.87 -5.93
CA ARG B 227 -14.57 10.54 -6.13
C ARG B 227 -15.24 10.10 -7.43
N GLU B 228 -14.50 10.13 -8.54
CA GLU B 228 -15.05 9.67 -9.81
C GLU B 228 -15.60 8.26 -9.70
N MET B 229 -14.82 7.35 -9.11
CA MET B 229 -15.28 5.97 -9.04
C MET B 229 -16.51 5.84 -8.15
N MET B 230 -16.50 6.47 -6.97
CA MET B 230 -17.64 6.36 -6.06
C MET B 230 -18.90 6.93 -6.69
N GLN B 231 -18.76 7.92 -7.57
CA GLN B 231 -19.93 8.51 -8.20
C GLN B 231 -20.54 7.62 -9.28
N THR B 232 -19.99 6.45 -9.55
CA THR B 232 -20.68 5.47 -10.38
C THR B 232 -21.59 4.54 -9.56
N ALA B 233 -21.67 4.73 -8.25
CA ALA B 233 -22.56 3.96 -7.40
C ALA B 233 -23.94 3.94 -8.03
N PRO B 234 -24.63 2.78 -8.01
CA PRO B 234 -24.19 1.54 -7.33
C PRO B 234 -23.47 0.57 -8.26
N ASN B 235 -22.78 1.08 -9.28
CA ASN B 235 -22.19 0.22 -10.30
C ASN B 235 -20.77 -0.19 -9.87
N SER B 236 -20.10 -0.93 -10.74
CA SER B 236 -18.93 -1.73 -10.32
C SER B 236 -17.73 -0.86 -9.92
N MET B 237 -17.52 0.30 -10.55
CA MET B 237 -16.33 1.07 -10.19
C MET B 237 -16.43 1.63 -8.78
N ALA B 238 -17.65 1.83 -8.26
CA ALA B 238 -17.76 2.19 -6.86
C ALA B 238 -17.33 1.02 -5.97
N CYS B 239 -17.58 -0.22 -6.42
CA CYS B 239 -17.09 -1.38 -5.69
C CYS B 239 -15.57 -1.43 -5.68
N ALA B 240 -14.96 -1.08 -6.81
CA ALA B 240 -13.52 -1.17 -6.94
C ALA B 240 -12.81 -0.20 -5.99
N THR B 241 -13.31 1.04 -5.87
CA THR B 241 -12.62 1.94 -4.93
C THR B 241 -12.90 1.54 -3.49
N THR B 242 -14.08 0.98 -3.22
CA THR B 242 -14.33 0.40 -1.90
C THR B 242 -13.31 -0.70 -1.59
N ALA B 243 -13.15 -1.65 -2.53
CA ALA B 243 -12.29 -2.80 -2.27
C ALA B 243 -10.85 -2.37 -2.05
N PHE B 244 -10.34 -1.51 -2.93
CA PHE B 244 -8.93 -1.12 -2.86
C PHE B 244 -8.63 -0.45 -1.52
N CYS B 245 -9.57 0.37 -1.04
CA CYS B 245 -9.34 1.04 0.23
C CYS B 245 -9.37 0.08 1.41
N TYR B 246 -10.03 -1.09 1.28
CA TYR B 246 -9.99 -2.07 2.36
C TYR B 246 -8.61 -2.69 2.47
N SER B 247 -7.93 -2.89 1.35
CA SER B 247 -6.56 -3.38 1.42
C SER B 247 -5.61 -2.29 1.93
N ARG B 248 -5.88 -1.02 1.60
CA ARG B 248 -5.12 0.07 2.21
C ARG B 248 -5.33 0.11 3.71
N MET B 249 -6.58 -0.09 4.19
CA MET B 249 -6.82 -0.16 5.64
C MET B 249 -5.96 -1.24 6.29
N CYS B 250 -5.91 -2.43 5.70
CA CYS B 250 -5.16 -3.52 6.32
C CYS B 250 -3.67 -3.19 6.38
N MET B 251 -3.13 -2.62 5.31
CA MET B 251 -1.71 -2.27 5.34
C MET B 251 -1.44 -1.17 6.34
N PHE B 252 -2.39 -0.24 6.51
CA PHE B 252 -2.24 0.78 7.54
C PHE B 252 -2.15 0.15 8.93
N ASP B 253 -3.13 -0.71 9.27
CA ASP B 253 -3.17 -1.31 10.60
C ASP B 253 -1.86 -2.02 10.94
N MET B 254 -1.32 -2.79 9.98
CA MET B 254 -0.11 -3.56 10.26
C MET B 254 1.11 -2.66 10.35
N TRP B 255 1.24 -1.74 9.41
CA TRP B 255 2.31 -0.77 9.46
C TRP B 255 2.34 -0.05 10.80
N LEU B 256 1.20 0.50 11.21
CA LEU B 256 1.19 1.33 12.42
C LEU B 256 1.41 0.49 13.67
N CYS B 257 0.78 -0.69 13.73
CA CYS B 257 0.97 -1.58 14.88
C CYS B 257 2.43 -1.95 15.04
N GLN B 258 3.08 -2.32 13.94
CA GLN B 258 4.50 -2.64 14.00
C GLN B 258 5.31 -1.45 14.51
N PHE B 259 5.04 -0.24 14.00
CA PHE B 259 5.74 0.94 14.49
C PHE B 259 5.52 1.13 15.99
N ILE B 260 4.26 1.08 16.44
CA ILE B 260 3.97 1.27 17.86
C ILE B 260 4.64 0.19 18.71
N ARG B 261 4.69 -1.04 18.20
CA ARG B 261 5.35 -2.11 18.92
C ARG B 261 6.86 -1.88 18.98
N TYR B 262 7.46 -1.46 17.85
CA TYR B 262 8.89 -1.20 17.83
C TYR B 262 9.28 0.03 18.64
N MET B 263 8.30 0.84 19.09
CA MET B 263 8.51 1.98 19.98
C MET B 263 8.42 1.61 21.45
N GLY B 264 8.08 0.36 21.78
CA GLY B 264 8.00 -0.09 23.15
C GLY B 264 6.60 -0.29 23.70
N TYR B 265 5.56 -0.14 22.90
CA TYR B 265 4.18 -0.29 23.34
C TYR B 265 3.50 -1.43 22.58
N TYR B 266 2.27 -1.73 22.94
CA TYR B 266 1.49 -2.74 22.25
C TYR B 266 0.42 -2.06 21.41
N ALA B 267 -0.10 -2.80 20.44
CA ALA B 267 -1.03 -2.23 19.48
C ALA B 267 -1.95 -3.32 18.97
N ILE B 268 -3.24 -2.99 18.89
CA ILE B 268 -4.26 -3.92 18.42
C ILE B 268 -4.82 -3.38 17.10
N PRO B 269 -4.64 -4.08 15.98
CA PRO B 269 -5.31 -3.68 14.74
C PRO B 269 -6.78 -4.04 14.80
N SER B 270 -7.55 -3.61 13.79
CA SER B 270 -8.97 -3.98 13.78
C SER B 270 -9.66 -3.93 12.43
N CYS B 271 -9.27 -3.01 11.55
CA CYS B 271 -10.04 -2.75 10.33
C CYS B 271 -11.53 -2.65 10.67
N ASN B 272 -12.37 -3.56 10.15
CA ASN B 272 -13.81 -3.48 10.41
C ASN B 272 -14.24 -4.21 11.68
N GLY B 273 -13.31 -4.83 12.41
CA GLY B 273 -13.63 -5.55 13.62
C GLY B 273 -13.47 -4.71 14.89
N VAL B 274 -13.67 -5.39 16.02
CA VAL B 274 -13.39 -4.93 17.39
C VAL B 274 -14.36 -3.86 17.88
N GLY B 275 -14.59 -2.82 17.08
CA GLY B 275 -15.44 -1.73 17.56
C GLY B 275 -15.99 -0.91 16.42
N GLN B 276 -16.86 0.04 16.78
CA GLN B 276 -17.62 0.81 15.81
C GLN B 276 -16.78 2.00 15.34
N SER B 277 -16.36 1.95 14.07
CA SER B 277 -15.42 2.92 13.54
C SER B 277 -15.99 4.33 13.58
N VAL B 278 -17.28 4.50 13.24
CA VAL B 278 -17.83 5.84 13.10
C VAL B 278 -17.77 6.58 14.43
N ALA B 279 -18.17 5.91 15.51
CA ALA B 279 -18.09 6.53 16.83
C ALA B 279 -16.66 6.95 17.16
N PHE B 280 -15.70 6.05 16.96
CA PHE B 280 -14.30 6.38 17.21
C PHE B 280 -13.84 7.57 16.39
N ALA B 281 -14.30 7.65 15.14
CA ALA B 281 -13.84 8.74 14.27
C ALA B 281 -14.41 10.08 14.71
N VAL B 282 -15.64 10.10 15.22
CA VAL B 282 -16.21 11.34 15.69
C VAL B 282 -15.51 11.80 16.96
N GLU B 283 -15.24 10.86 17.88
CA GLU B 283 -14.56 11.23 19.11
C GLU B 283 -13.12 11.66 18.86
N ALA B 284 -12.49 11.18 17.77
CA ALA B 284 -11.13 11.59 17.44
C ALA B 284 -11.07 12.83 16.57
N GLY B 285 -12.20 13.47 16.28
CA GLY B 285 -12.22 14.71 15.55
C GLY B 285 -12.09 14.62 14.04
N LEU B 286 -12.19 13.42 13.46
CA LEU B 286 -12.11 13.32 12.00
C LEU B 286 -13.32 13.95 11.32
N GLY B 287 -14.48 13.92 11.95
CA GLY B 287 -15.67 14.44 11.32
C GLY B 287 -16.86 14.23 12.22
N GLN B 288 -18.05 14.37 11.63
CA GLN B 288 -19.30 14.34 12.38
C GLN B 288 -20.21 13.26 11.84
N ALA B 289 -20.93 12.60 12.77
CA ALA B 289 -21.98 11.68 12.38
C ALA B 289 -23.00 12.37 11.48
N SER B 290 -23.59 11.60 10.58
CA SER B 290 -24.49 12.14 9.58
C SER B 290 -25.81 11.35 9.59
N ARG B 291 -26.72 11.76 8.70
CA ARG B 291 -28.00 11.07 8.58
C ARG B 291 -27.82 9.66 8.02
N MET B 292 -26.98 9.51 7.00
CA MET B 292 -26.79 8.17 6.43
C MET B 292 -26.11 7.22 7.42
N GLY B 293 -25.45 7.74 8.45
CA GLY B 293 -24.78 6.94 9.45
C GLY B 293 -23.27 7.01 9.39
N ALA B 294 -22.71 7.59 8.33
CA ALA B 294 -21.27 7.67 8.17
C ALA B 294 -20.70 8.85 8.94
N CYS B 295 -19.40 8.79 9.19
CA CYS B 295 -18.65 9.96 9.63
C CYS B 295 -18.33 10.83 8.42
N ILE B 296 -18.89 12.03 8.39
CA ILE B 296 -18.63 13.01 7.33
C ILE B 296 -17.43 13.86 7.75
N THR B 297 -16.41 13.92 6.87
CA THR B 297 -15.21 14.69 7.14
C THR B 297 -15.21 15.97 6.32
N PRO B 298 -14.53 17.03 6.76
CA PRO B 298 -14.45 18.23 5.91
C PRO B 298 -13.70 17.99 4.61
N GLU B 299 -12.65 17.15 4.61
CA GLU B 299 -11.86 16.99 3.39
C GLU B 299 -12.57 16.12 2.35
N PHE B 300 -13.25 15.06 2.77
CA PHE B 300 -13.78 14.10 1.81
C PHE B 300 -15.29 13.88 1.94
N GLY B 301 -15.96 14.62 2.82
CA GLY B 301 -17.32 14.26 3.19
C GLY B 301 -17.31 12.85 3.74
N PRO B 302 -18.31 12.05 3.36
CA PRO B 302 -18.33 10.64 3.76
C PRO B 302 -17.53 9.71 2.86
N ASN B 303 -16.96 10.21 1.77
CA ASN B 303 -16.29 9.35 0.80
C ASN B 303 -14.87 8.99 1.28
N VAL B 304 -14.82 8.33 2.43
CA VAL B 304 -13.55 7.99 3.06
C VAL B 304 -13.78 6.78 3.95
N ARG B 305 -12.85 5.82 3.91
CA ARG B 305 -12.96 4.66 4.78
C ARG B 305 -12.25 4.92 6.10
N LEU B 306 -12.58 4.10 7.10
CA LEU B 306 -12.02 4.23 8.44
C LEU B 306 -11.38 2.93 8.88
N THR B 307 -10.26 3.05 9.59
CA THR B 307 -9.73 1.93 10.35
C THR B 307 -9.17 2.50 11.63
N LYS B 308 -8.77 1.63 12.55
CA LYS B 308 -8.35 2.16 13.83
C LYS B 308 -7.48 1.14 14.54
N VAL B 309 -6.64 1.67 15.44
CA VAL B 309 -5.66 0.90 16.20
C VAL B 309 -5.78 1.32 17.66
N PHE B 310 -5.73 0.35 18.57
CA PHE B 310 -5.83 0.60 20.00
C PHE B 310 -4.46 0.39 20.66
N THR B 311 -4.12 1.27 21.61
CA THR B 311 -2.77 1.22 22.18
C THR B 311 -2.70 1.87 23.55
N ASN B 312 -1.77 1.37 24.36
CA ASN B 312 -1.38 2.00 25.61
C ASN B 312 -0.35 3.11 25.43
N MET B 313 0.10 3.37 24.20
CA MET B 313 1.05 4.43 23.96
C MET B 313 0.47 5.77 24.41
N PRO B 314 1.16 6.51 25.31
CA PRO B 314 0.64 7.81 25.72
C PRO B 314 0.55 8.77 24.54
N LEU B 315 -0.48 9.60 24.54
CA LEU B 315 -0.90 10.36 23.37
C LEU B 315 -1.77 11.53 23.82
N VAL B 316 -1.77 12.59 23.02
CA VAL B 316 -2.61 13.76 23.26
C VAL B 316 -3.90 13.60 22.45
N PRO B 317 -5.06 13.42 23.10
CA PRO B 317 -6.31 13.32 22.34
C PRO B 317 -6.56 14.57 21.52
N ASP B 318 -7.26 14.40 20.41
CA ASP B 318 -7.63 15.51 19.54
C ASP B 318 -8.99 16.08 19.95
N LYS B 319 -9.27 17.25 19.44
CA LYS B 319 -10.57 17.75 19.83
C LYS B 319 -11.63 17.32 18.81
N PRO B 320 -12.82 16.97 19.28
CA PRO B 320 -13.93 16.74 18.34
C PRO B 320 -14.24 18.02 17.58
N ILE B 321 -14.84 17.85 16.41
CA ILE B 321 -15.02 18.96 15.47
C ILE B 321 -16.51 19.15 15.22
N ASP B 322 -16.93 20.41 15.13
CA ASP B 322 -18.30 20.77 14.76
C ASP B 322 -18.21 21.76 13.62
N PHE B 323 -18.51 21.33 12.40
CA PHE B 323 -18.55 22.24 11.27
C PHE B 323 -19.91 22.22 10.60
N GLY B 324 -20.95 21.87 11.38
CA GLY B 324 -22.33 22.07 10.99
C GLY B 324 -23.01 20.92 10.31
N VAL B 325 -22.54 19.68 10.50
CA VAL B 325 -23.13 18.56 9.78
C VAL B 325 -24.54 18.28 10.31
N THR B 326 -24.72 18.32 11.63
CA THR B 326 -26.00 17.91 12.21
C THR B 326 -27.13 18.78 11.69
N GLU B 327 -26.93 20.10 11.68
CA GLU B 327 -27.97 21.01 11.21
C GLU B 327 -28.13 20.94 9.69
N PHE B 328 -27.05 20.66 8.97
CA PHE B 328 -27.19 20.45 7.54
C PHE B 328 -27.95 19.16 7.26
N CYS B 329 -27.60 18.07 7.93
CA CYS B 329 -28.35 16.82 7.76
C CYS B 329 -29.78 16.98 8.23
N GLU B 330 -30.02 17.89 9.18
CA GLU B 330 -31.37 18.12 9.68
C GLU B 330 -32.33 18.47 8.55
N THR B 331 -31.90 19.27 7.58
CA THR B 331 -32.79 19.72 6.52
C THR B 331 -32.47 19.16 5.13
N CYS B 332 -31.47 18.28 4.99
CA CYS B 332 -30.99 17.94 3.65
C CYS B 332 -31.76 16.76 3.04
N LYS B 333 -31.70 15.59 3.68
CA LYS B 333 -32.50 14.41 3.32
C LYS B 333 -32.20 13.84 1.93
N LYS B 334 -31.14 14.30 1.25
CA LYS B 334 -30.89 13.84 -0.11
C LYS B 334 -30.49 12.37 -0.16
N CYS B 335 -29.73 11.89 0.82
CA CYS B 335 -29.40 10.47 0.82
C CYS B 335 -30.65 9.63 1.06
N ALA B 336 -31.54 10.09 1.94
CA ALA B 336 -32.78 9.35 2.18
C ALA B 336 -33.62 9.27 0.90
N ARG B 337 -33.67 10.34 0.12
CA ARG B 337 -34.52 10.31 -1.06
C ARG B 337 -33.92 9.52 -2.20
N GLU B 338 -32.61 9.31 -2.21
CA GLU B 338 -31.93 8.65 -3.31
C GLU B 338 -31.63 7.20 -3.03
N CYS B 339 -31.73 6.80 -1.77
CA CYS B 339 -31.39 5.45 -1.38
C CYS B 339 -32.28 4.46 -2.11
N PRO B 340 -31.72 3.53 -2.89
CA PRO B 340 -32.56 2.62 -3.68
C PRO B 340 -33.40 1.67 -2.84
N SER B 341 -33.18 1.60 -1.54
CA SER B 341 -33.86 0.65 -0.69
C SER B 341 -34.62 1.32 0.44
N LYS B 342 -34.62 2.64 0.51
CA LYS B 342 -35.35 3.38 1.55
C LYS B 342 -34.88 3.00 2.95
N ALA B 343 -33.58 2.72 3.07
CA ALA B 343 -32.99 2.32 4.34
C ALA B 343 -32.79 3.51 5.28
N ILE B 344 -32.59 4.71 4.74
CA ILE B 344 -32.24 5.87 5.54
C ILE B 344 -33.51 6.63 5.89
N THR B 345 -33.67 6.97 7.16
CA THR B 345 -34.84 7.68 7.65
C THR B 345 -34.81 9.15 7.25
N GLU B 346 -36.00 9.72 7.08
CA GLU B 346 -36.12 11.16 6.93
C GLU B 346 -36.59 11.84 8.21
N GLY B 347 -36.77 11.08 9.29
CA GLY B 347 -37.22 11.63 10.54
C GLY B 347 -36.11 12.16 11.42
N PRO B 348 -36.43 12.49 12.66
CA PRO B 348 -35.44 13.05 13.57
C PRO B 348 -34.58 11.95 14.21
N ARG B 349 -33.57 12.39 14.95
CA ARG B 349 -32.72 11.48 15.69
C ARG B 349 -33.40 11.04 16.98
N THR B 350 -33.19 9.78 17.35
CA THR B 350 -33.76 9.22 18.57
C THR B 350 -32.71 8.36 19.27
N PHE B 351 -33.06 7.88 20.47
CA PHE B 351 -32.21 6.95 21.18
C PHE B 351 -32.60 5.50 20.95
N GLU B 352 -33.50 5.23 20.01
CA GLU B 352 -34.10 3.91 19.89
C GLU B 352 -33.84 3.35 18.50
N GLY B 353 -33.16 2.21 18.44
CA GLY B 353 -32.85 1.60 17.17
C GLY B 353 -34.09 1.12 16.43
N ARG B 354 -33.98 1.17 15.11
CA ARG B 354 -35.05 0.67 14.26
C ARG B 354 -35.14 -0.86 14.32
N SER B 355 -34.04 -1.56 14.61
CA SER B 355 -34.01 -3.02 14.55
C SER B 355 -32.79 -3.52 15.34
N ILE B 356 -32.55 -4.82 15.25
CA ILE B 356 -31.46 -5.46 15.97
C ILE B 356 -30.10 -4.97 15.48
N HIS B 357 -30.03 -4.40 14.27
CA HIS B 357 -28.77 -3.96 13.70
C HIS B 357 -28.29 -2.62 14.25
N ASN B 358 -29.14 -1.86 14.94
CA ASN B 358 -28.71 -0.62 15.55
C ASN B 358 -28.37 -0.84 17.01
N GLN B 359 -27.43 -0.06 17.51
CA GLN B 359 -27.19 0.04 18.95
C GLN B 359 -28.11 1.11 19.51
N SER B 360 -29.04 0.70 20.37
CA SER B 360 -29.91 1.68 21.04
C SER B 360 -29.16 2.37 22.15
N GLY B 361 -29.66 3.55 22.54
CA GLY B 361 -29.12 4.28 23.66
C GLY B 361 -28.22 5.44 23.34
N LYS B 362 -28.03 5.77 22.05
CA LYS B 362 -27.22 6.91 21.65
C LYS B 362 -27.98 7.71 20.62
N LEU B 363 -27.85 9.03 20.69
CA LEU B 363 -28.61 9.92 19.82
C LEU B 363 -28.03 9.88 18.41
N GLN B 364 -28.82 9.40 17.46
CA GLN B 364 -28.35 9.24 16.09
C GLN B 364 -29.55 9.07 15.19
N TRP B 365 -29.36 9.31 13.89
CA TRP B 365 -30.39 8.93 12.94
C TRP B 365 -30.42 7.40 12.84
N GLN B 366 -31.61 6.83 13.01
CA GLN B 366 -31.81 5.39 13.08
C GLN B 366 -32.20 4.89 11.69
N ASN B 367 -31.38 4.00 11.13
CA ASN B 367 -31.53 3.52 9.76
C ASN B 367 -31.73 2.02 9.76
N ASP B 368 -32.46 1.50 8.76
CA ASP B 368 -32.72 0.06 8.69
C ASP B 368 -31.65 -0.57 7.80
N TYR B 369 -30.68 -1.20 8.42
CA TYR B 369 -29.51 -1.64 7.68
C TYR B 369 -29.74 -2.96 6.95
N ASN B 370 -30.79 -3.70 7.31
CA ASN B 370 -31.16 -4.89 6.54
C ASN B 370 -31.77 -4.53 5.17
N LYS B 371 -32.49 -3.41 5.08
CA LYS B 371 -32.95 -2.92 3.78
C LYS B 371 -31.77 -2.53 2.90
N CYS B 372 -30.78 -1.86 3.49
CA CYS B 372 -29.56 -1.55 2.75
C CYS B 372 -28.94 -2.83 2.19
N LEU B 373 -28.68 -3.81 3.06
CA LEU B 373 -28.01 -5.03 2.64
C LEU B 373 -28.80 -5.73 1.53
N GLY B 374 -30.13 -5.79 1.65
CA GLY B 374 -30.93 -6.46 0.65
C GLY B 374 -30.73 -5.93 -0.76
N TYR B 375 -30.41 -4.63 -0.89
CA TYR B 375 -30.16 -4.07 -2.21
C TYR B 375 -28.84 -4.55 -2.82
N TRP B 376 -27.92 -5.10 -2.01
CA TRP B 376 -26.60 -5.47 -2.55
C TRP B 376 -26.64 -6.69 -3.46
N PRO B 377 -27.27 -7.82 -3.07
CA PRO B 377 -27.43 -8.89 -4.06
C PRO B 377 -28.18 -8.44 -5.29
N GLU B 378 -29.18 -7.57 -5.12
CA GLU B 378 -29.99 -7.13 -6.24
C GLU B 378 -29.17 -6.31 -7.23
N SER B 379 -28.29 -5.46 -6.75
CA SER B 379 -27.48 -4.62 -7.63
C SER B 379 -26.15 -5.26 -7.99
N GLY B 380 -25.76 -6.35 -7.32
CA GLY B 380 -24.47 -6.95 -7.57
C GLY B 380 -23.28 -6.14 -7.12
N GLY B 381 -23.45 -5.30 -6.09
CA GLY B 381 -22.38 -4.43 -5.66
C GLY B 381 -22.44 -4.09 -4.19
N TYR B 382 -21.85 -2.95 -3.81
CA TYR B 382 -21.88 -2.46 -2.43
C TYR B 382 -22.58 -1.12 -2.35
N CYS B 383 -23.41 -0.83 -3.34
CA CYS B 383 -24.14 0.43 -3.49
C CYS B 383 -23.23 1.66 -3.30
N GLY B 384 -23.41 2.40 -2.22
CA GLY B 384 -22.72 3.66 -2.02
C GLY B 384 -23.43 4.89 -2.56
N VAL B 385 -24.70 4.77 -2.98
CA VAL B 385 -25.41 5.91 -3.56
C VAL B 385 -25.49 7.06 -2.56
N CYS B 386 -25.69 6.73 -1.28
CA CYS B 386 -25.76 7.76 -0.26
C CYS B 386 -24.48 8.57 -0.21
N VAL B 387 -23.33 7.89 -0.19
CA VAL B 387 -22.05 8.57 -0.22
C VAL B 387 -21.91 9.39 -1.49
N ALA B 388 -22.32 8.82 -2.63
CA ALA B 388 -22.15 9.51 -3.90
C ALA B 388 -22.96 10.80 -3.98
N VAL B 389 -24.18 10.81 -3.44
CA VAL B 389 -25.05 11.97 -3.62
C VAL B 389 -24.89 13.01 -2.52
N CYS B 390 -24.14 12.71 -1.48
CA CYS B 390 -24.09 13.61 -0.33
C CYS B 390 -23.31 14.87 -0.69
N PRO B 391 -23.90 16.06 -0.50
CA PRO B 391 -23.21 17.31 -0.87
C PRO B 391 -21.78 17.41 -0.34
N PHE B 392 -21.53 16.93 0.89
CA PHE B 392 -20.18 17.02 1.44
C PHE B 392 -19.15 16.22 0.64
N THR B 393 -19.60 15.30 -0.23
CA THR B 393 -18.67 14.47 -0.98
C THR B 393 -18.04 15.23 -2.13
N LYS B 394 -18.70 16.25 -2.67
CA LYS B 394 -18.18 16.97 -3.85
C LYS B 394 -17.09 17.98 -3.51
N ASN B 431 -20.26 8.35 -17.13
CA ASN B 431 -20.39 6.91 -17.13
C ASN B 431 -19.06 6.20 -16.84
N ILE B 432 -19.09 4.87 -16.87
CA ILE B 432 -17.93 4.14 -16.40
C ILE B 432 -16.82 4.12 -17.44
N THR B 433 -17.17 4.15 -18.73
CA THR B 433 -16.14 4.27 -19.76
C THR B 433 -15.32 5.53 -19.57
N GLU B 434 -15.98 6.66 -19.30
CA GLU B 434 -15.26 7.90 -19.07
C GLU B 434 -14.37 7.83 -17.83
N VAL B 435 -14.76 7.06 -16.82
CA VAL B 435 -13.90 6.87 -15.66
C VAL B 435 -12.65 6.09 -16.06
N TRP B 436 -12.83 4.95 -16.73
CA TRP B 436 -11.69 4.16 -17.24
C TRP B 436 -10.79 4.97 -18.18
N ASP B 437 -11.35 5.97 -18.86
CA ASP B 437 -10.61 6.78 -19.81
C ASP B 437 -10.13 8.10 -19.22
N GLY B 438 -10.54 8.44 -18.00
CA GLY B 438 -10.29 9.75 -17.45
C GLY B 438 -9.21 9.82 -16.39
N LYS B 439 -9.39 10.75 -15.46
CA LYS B 439 -8.34 11.15 -14.53
C LYS B 439 -8.08 10.09 -13.47
N ILE B 440 -6.80 9.81 -13.22
CA ILE B 440 -6.42 8.91 -12.13
C ILE B 440 -5.02 9.29 -11.68
N ASN B 441 -4.70 8.93 -10.45
CA ASN B 441 -3.39 9.19 -9.86
C ASN B 441 -3.16 8.13 -8.80
N THR B 442 -1.98 8.17 -8.19
CA THR B 442 -1.56 7.09 -7.30
C THR B 442 -2.59 6.85 -6.20
N TYR B 443 -2.94 5.58 -6.01
CA TYR B 443 -3.94 5.14 -5.04
C TYR B 443 -5.33 5.76 -5.26
N GLY B 444 -5.58 6.29 -6.47
CA GLY B 444 -6.84 6.97 -6.70
C GLY B 444 -6.98 8.30 -5.99
N LEU B 445 -5.89 8.87 -5.48
CA LEU B 445 -5.90 10.18 -4.88
C LEU B 445 -5.90 11.28 -5.95
N ASP B 446 -6.36 12.47 -5.57
CA ASP B 446 -6.59 13.57 -6.50
C ASP B 446 -5.63 14.73 -6.20
N ALA B 447 -4.77 15.05 -7.18
CA ALA B 447 -3.82 16.14 -6.98
C ALA B 447 -4.50 17.50 -6.82
N ASP B 448 -5.71 17.67 -7.35
CA ASP B 448 -6.39 18.95 -7.14
C ASP B 448 -6.80 19.17 -5.68
N HIS B 449 -6.77 18.13 -4.84
CA HIS B 449 -7.18 18.26 -3.46
C HIS B 449 -6.12 17.78 -2.48
N PHE B 450 -5.09 17.07 -2.95
CA PHE B 450 -4.10 16.45 -2.09
C PHE B 450 -3.41 17.44 -1.16
N ARG B 451 -3.35 18.74 -1.53
CA ARG B 451 -2.72 19.74 -0.68
C ARG B 451 -3.46 19.90 0.64
N ASP B 452 -4.77 19.60 0.66
CA ASP B 452 -5.55 19.73 1.87
C ASP B 452 -5.14 18.76 2.99
N THR B 453 -4.42 17.69 2.68
CA THR B 453 -3.97 16.79 3.73
C THR B 453 -2.47 16.89 3.98
N VAL B 454 -1.81 17.95 3.51
CA VAL B 454 -0.43 18.16 3.91
C VAL B 454 -0.40 18.37 5.43
N SER B 455 0.65 17.87 6.08
CA SER B 455 0.68 18.00 7.53
C SER B 455 2.05 18.46 8.00
N PHE B 456 2.03 19.37 8.98
CA PHE B 456 3.20 19.82 9.71
C PHE B 456 2.99 19.53 11.18
N ARG B 457 4.07 19.65 11.96
CA ARG B 457 3.97 19.38 13.39
C ARG B 457 2.85 20.19 14.05
N LYS B 458 2.66 21.44 13.61
CA LYS B 458 1.70 22.32 14.28
C LYS B 458 0.30 21.71 14.24
N ASP B 459 -0.06 21.04 13.13
CA ASP B 459 -1.37 20.41 13.04
C ASP B 459 -1.38 18.96 13.53
N ARG B 460 -0.22 18.38 13.86
CA ARG B 460 -0.23 17.04 14.39
C ARG B 460 -0.43 17.01 15.91
N VAL B 461 0.11 17.99 16.64
CA VAL B 461 -0.11 18.01 18.08
C VAL B 461 -0.06 19.42 18.67
FE1 SF4 C . 23.12 11.73 -10.78
FE2 SF4 C . 24.52 10.99 -13.08
FE3 SF4 C . 25.57 10.54 -10.58
FE4 SF4 C . 25.37 13.05 -11.57
S1 SF4 C . 26.66 11.36 -12.42
S2 SF4 C . 24.83 12.38 -9.43
S3 SF4 C . 23.45 12.97 -12.73
S4 SF4 C . 23.72 9.61 -11.46
FE1 SF4 D . 26.05 4.79 -0.69
FE2 SF4 D . 25.32 4.89 -3.30
FE3 SF4 D . 27.93 4.74 -2.61
FE4 SF4 D . 26.28 2.61 -2.24
S1 SF4 D . 26.88 3.53 -4.28
S2 SF4 D . 27.80 3.41 -0.72
S3 SF4 D . 24.36 3.59 -1.66
S4 SF4 D . 26.55 6.46 -2.17
P BVQ E . 25.02 -4.80 -13.07
CO BVQ E . 19.97 -1.88 -5.05
C1 BVQ E . 17.92 -1.91 -7.04
C2 BVQ E . 16.46 -1.31 -7.14
O2 BVQ E . 23.77 -3.74 -13.13
C3 BVQ E . 16.73 0.18 -6.72
O3 BVQ E . 24.56 -5.88 -11.96
C4 BVQ E . 17.96 0.05 -5.85
O4 BVQ E . 25.30 -5.33 -14.42
C5 BVQ E . 18.44 1.13 -4.83
O5 BVQ E . 26.15 -4.05 -12.39
C6 BVQ E . 19.59 0.95 -4.09
C7 BVQ E . 20.29 1.89 -3.09
C8 BVQ E . 21.75 1.54 -3.43
C9 BVQ E . 21.58 0.06 -3.75
C10 BVQ E . 22.64 -0.82 -3.52
C11 BVQ E . 22.60 -2.18 -3.84
C12 BVQ E . 23.80 -3.07 -3.58
C13 BVQ E . 23.34 -4.45 -4.13
C14 BVQ E . 21.91 -4.12 -4.75
C15 BVQ E . 21.11 -5.06 -5.36
C16 BVQ E . 19.83 -4.69 -6.02
C17 BVQ E . 18.86 -5.61 -6.76
C18 BVQ E . 17.98 -4.56 -7.45
C19 BVQ E . 18.03 -3.37 -6.48
N1B BVQ E . 21.68 -1.98 -14.52
C1P BVQ E . 23.10 -7.48 -10.78
C1R BVQ E . 21.79 -1.50 -13.15
C20 BVQ E . 18.76 -1.83 -8.31
N21 BVQ E . 18.58 -1.08 -6.04
N22 BVQ E . 20.40 -0.15 -4.34
N23 BVQ E . 21.57 -2.77 -4.46
N24 BVQ E . 19.40 -3.45 -5.90
C25 BVQ E . 15.85 -1.50 -8.55
C26 BVQ E . 15.49 -1.92 -6.08
C27 BVQ E . 14.03 -1.36 -5.95
O28 BVQ E . 13.70 -0.34 -6.54
N29 BVQ E . 13.21 -2.03 -5.15
C2B BVQ E . 21.15 -3.17 -14.71
C2P BVQ E . 23.49 -6.82 -12.13
C2R BVQ E . 23.22 -1.39 -12.63
C30 BVQ E . 16.97 1.11 -7.93
C31 BVQ E . 15.76 1.99 -8.26
C32 BVQ E . 15.95 2.76 -9.55
N33 BVQ E . 15.48 4.00 -9.56
O34 BVQ E . 16.52 2.25 -10.52
C35 BVQ E . 17.54 2.33 -4.80
C36 BVQ E . 20.11 3.42 -3.26
C37 BVQ E . 20.00 1.48 -1.64
C38 BVQ E . 18.62 2.00 -1.19
O39 BVQ E . 17.60 1.77 -1.83
N3B BVQ E . 20.98 -3.50 -16.01
C3R BVQ E . 23.45 -2.81 -12.11
N40 BVQ E . 18.62 2.70 -0.06
C41 BVQ E . 22.16 2.30 -4.70
C42 BVQ E . 23.52 1.91 -5.28
C43 BVQ E . 23.69 2.34 -6.72
O44 BVQ E . 22.82 2.15 -7.56
N45 BVQ E . 24.85 2.91 -7.02
C46 BVQ E . 24.10 -3.15 -2.08
C47 BVQ E . 25.02 -2.51 -4.33
C48 BVQ E . 24.39 -5.09 -5.06
C49 BVQ E . 24.23 -4.82 -6.56
N4B BVQ E . 21.46 -2.31 -18.07
C4R BVQ E . 22.08 -3.16 -11.51
C50 BVQ E . 24.94 -5.82 -7.44
O51 BVQ E . 25.43 -6.85 -6.97
N52 BVQ E . 24.98 -5.54 -8.73
C53 BVQ E . 21.50 -6.51 -5.42
C54 BVQ E . 18.09 -6.46 -5.72
C55 BVQ E . 19.38 -6.57 -7.86
C56 BVQ E . 20.20 -5.85 -8.93
C57 BVQ E . 20.94 -6.85 -9.79
O58 BVQ E . 20.36 -7.79 -10.33
N59 BVQ E . 22.25 -6.64 -9.95
C5B BVQ E . 21.98 -1.13 -18.42
C5R BVQ E . 21.91 -2.77 -10.06
C60 BVQ E . 16.55 -5.00 -7.81
C61 BVQ E . 16.51 -5.80 -9.10
N62 BVQ E . 16.05 -7.05 -9.00
O63 BVQ E . 16.89 -5.31 -10.16
N6B BVQ E . 22.43 -0.15 -17.65
O6R BVQ E . 21.12 -2.43 -12.30
N7A BVQ E . 22.86 0.68 -15.53
C7B BVQ E . 22.39 -0.30 -16.31
O7R BVQ E . 24.13 -1.12 -13.69
C8B BVQ E . 21.86 -1.50 -15.80
O8R BVQ E . 22.79 -3.47 -9.21
C9B BVQ E . 21.43 -2.44 -16.73
C1 BEN F . 24.72 -17.24 1.89
C2 BEN F . 24.75 -16.04 1.19
C3 BEN F . 23.56 -15.39 0.86
C4 BEN F . 22.31 -15.91 1.21
C5 BEN F . 22.30 -17.12 1.90
C6 BEN F . 23.49 -17.78 2.24
C BEN F . 25.94 -17.88 2.23
N1 BEN F . 25.96 -19.07 2.79
N2 BEN F . 27.11 -17.31 2.02
C1 GOL G . 21.00 -13.56 1.16
O1 GOL G . 21.37 -14.92 1.42
C2 GOL G . 19.84 -12.96 1.98
O2 GOL G . 18.55 -13.15 1.39
C3 GOL G . 20.09 -11.45 2.13
O3 GOL G . 18.97 -10.78 2.66
C1 GOL H . -1.51 -12.18 0.82
O1 GOL H . -1.70 -12.91 2.01
C2 GOL H . -1.41 -13.19 -0.31
O2 GOL H . -2.67 -13.80 -0.46
C3 GOL H . -0.32 -14.20 0.02
O3 GOL H . 0.33 -14.69 -1.14
C1 GOL I . 29.89 7.26 -21.73
O1 GOL I . 31.17 7.02 -21.18
C2 GOL I . 29.98 7.21 -23.25
O2 GOL I . 29.11 8.14 -23.86
C3 GOL I . 29.56 5.84 -23.75
O3 GOL I . 28.84 6.08 -24.94
C1 GOL J . 36.62 2.79 -24.69
O1 GOL J . 36.44 4.19 -24.47
C2 GOL J . 35.31 2.10 -24.37
O2 GOL J . 34.88 2.50 -23.09
C3 GOL J . 35.45 0.58 -24.44
O3 GOL J . 34.17 -0.01 -24.22
C1 GOL K . 17.40 16.20 -26.69
O1 GOL K . 18.01 17.46 -26.50
C2 GOL K . 17.96 15.23 -25.65
O2 GOL K . 18.99 15.88 -24.93
C3 GOL K . 18.51 13.99 -26.33
O3 GOL K . 19.61 13.51 -25.59
C1 GOL L . 37.61 -2.82 -7.35
O1 GOL L . 36.87 -1.63 -7.48
C2 GOL L . 37.78 -3.49 -8.70
O2 GOL L . 37.44 -2.57 -9.71
C3 GOL L . 36.87 -4.69 -8.74
O3 GOL L . 37.10 -5.42 -7.55
C1 BEN M . 24.89 -20.43 -1.87
C2 BEN M . 25.18 -19.08 -1.68
C3 BEN M . 24.14 -18.16 -1.48
C4 BEN M . 22.82 -18.60 -1.46
C5 BEN M . 22.53 -19.94 -1.66
C6 BEN M . 23.56 -20.85 -1.86
C BEN M . 25.93 -21.35 -2.09
N1 BEN M . 25.87 -22.56 -1.57
N2 BEN M . 26.96 -21.04 -2.85
CL9 4CH N . 18.24 -4.30 3.69
C4 4CH N . 17.95 -3.86 2.04
C5 4CH N . 17.73 -2.53 1.73
C6 4CH N . 17.47 -2.18 0.42
C1 4CH N . 17.44 -3.15 -0.57
O7 4CH N . 17.30 -2.75 -1.88
C2 4CH N . 17.64 -4.48 -0.25
C3 4CH N . 17.92 -4.83 1.07
FE1 SF4 O . -25.26 13.96 3.20
FE2 SF4 O . -26.53 14.55 5.55
FE3 SF4 O . -27.59 12.65 3.83
FE4 SF4 O . -27.57 15.28 3.12
S1 SF4 O . -28.68 14.36 4.93
S2 SF4 O . -26.96 13.51 1.78
S3 SF4 O . -25.70 16.04 4.03
S4 SF4 O . -25.66 12.51 4.95
FE1 SF4 P . -27.28 2.29 -0.95
FE2 SF4 P . -26.62 3.89 1.14
FE3 SF4 P . -27.38 1.36 1.57
FE4 SF4 P . -29.20 3.12 0.78
S1 SF4 P . -28.03 3.18 2.78
S2 SF4 P . -28.96 1.01 -0.09
S3 SF4 P . -28.01 4.43 -0.60
S4 SF4 P . -25.54 1.98 0.50
P BVQ Q . -25.76 1.76 14.63
CO BVQ Q . -20.77 -0.15 6.25
C1 BVQ Q . -18.81 1.14 7.86
C2 BVQ Q . -17.41 1.82 7.56
O2 BVQ Q . -24.65 2.76 13.99
C3 BVQ Q . -17.81 2.78 6.38
O3 BVQ Q . -25.10 0.36 14.20
C4 BVQ Q . -18.97 2.04 5.76
O4 BVQ Q . -25.90 1.93 16.09
C5 BVQ Q . -19.46 2.28 4.37
O5 BVQ Q . -27.03 1.92 13.82
C6 BVQ Q . -20.61 1.68 3.90
C7 BVQ Q . -21.32 1.81 2.56
C8 BVQ Q . -22.78 1.56 3.01
C9 BVQ Q . -22.54 0.59 4.14
C10 BVQ Q . -23.48 -0.39 4.47
C11 BVQ Q . -23.35 -1.29 5.52
C12 BVQ Q . -24.43 -2.31 5.80
C13 BVQ Q . -23.95 -3.04 7.09
C14 BVQ Q . -22.58 -2.28 7.40
C15 BVQ Q . -21.72 -2.64 8.42
C16 BVQ Q . -20.47 -1.82 8.70
C17 BVQ Q . -19.47 -2.05 9.83
C18 BVQ Q . -18.68 -0.73 9.74
C19 BVQ Q . -18.78 -0.36 8.25
N1B BVQ Q . -22.78 5.13 14.13
C1P BVQ Q . -23.67 -1.58 14.25
C1R BVQ Q . -22.83 4.69 12.74
C20 BVQ Q . -19.69 1.83 8.88
N21 BVQ Q . -19.48 1.17 6.57
N22 BVQ Q . -21.38 0.86 4.74
N23 BVQ Q . -22.32 -1.30 6.39
N24 BVQ Q . -20.10 -0.88 7.87
C25 BVQ Q . -16.82 2.53 8.79
C26 BVQ Q . -16.39 0.82 6.96
C27 BVQ Q . -15.00 1.39 6.57
O28 BVQ Q . -14.84 2.61 6.44
N29 BVQ Q . -14.02 0.52 6.39
C2B BVQ Q . -22.16 4.29 14.93
C2P BVQ Q . -24.21 -0.35 15.03
C2R BVQ Q . -24.26 4.39 12.25
C30 BVQ Q . -18.20 4.18 6.87
C31 BVQ Q . -17.09 5.21 6.68
C32 BVQ Q . -17.47 6.57 7.23
N33 BVQ Q . -17.14 7.60 6.48
O34 BVQ Q . -18.07 6.68 8.31
C35 BVQ Q . -18.58 3.26 3.65
C36 BVQ Q . -21.24 3.17 1.81
C37 BVQ Q . -20.92 0.66 1.63
C38 BVQ Q . -19.61 0.93 0.83
O39 BVQ Q . -18.55 1.19 1.41
N3B BVQ Q . -21.96 4.77 16.18
C3R BVQ Q . -24.38 2.92 12.61
N40 BVQ Q . -19.69 0.83 -0.49
C41 BVQ Q . -23.43 2.86 3.55
C42 BVQ Q . -24.68 2.65 4.39
C43 BVQ Q . -24.99 3.80 5.31
O44 BVQ Q . -24.24 4.08 6.25
N45 BVQ Q . -26.11 4.46 5.06
C46 BVQ Q . -24.60 -3.33 4.66
C47 BVQ Q . -25.75 -1.53 5.97
C48 BVQ Q . -25.03 -3.06 8.19
C49 BVQ Q . -24.89 -2.00 9.29
N4B BVQ Q . -22.51 6.89 17.22
C4R BVQ Q . -22.99 2.37 12.28
C50 BVQ Q . -25.47 -2.46 10.61
O51 BVQ Q . -25.88 -3.63 10.75
N52 BVQ Q . -25.49 -1.58 11.59
C53 BVQ Q . -22.01 -3.81 9.31
C54 BVQ Q . -18.60 -3.28 9.51
C55 BVQ Q . -19.98 -2.20 11.29
C56 BVQ Q . -20.94 -1.07 11.66
C57 BVQ Q . -21.59 -1.45 12.96
O58 BVQ Q . -20.93 -1.96 13.86
N59 BVQ Q . -22.88 -1.20 13.08
C5B BVQ Q . -23.11 8.04 16.88
C5R BVQ Q . -22.77 1.99 10.84
C60 BVQ Q . -17.22 -0.79 10.23
C61 BVQ Q . -17.13 -0.61 11.73
N62 BVQ Q . -16.38 -1.48 12.39
O63 BVQ Q . -17.71 0.32 12.29
N6B BVQ Q . -23.65 8.38 15.71
O6R BVQ Q . -22.10 3.47 12.62
N7A BVQ Q . -24.15 7.84 13.52
C7B BVQ Q . -23.60 7.48 14.69
O7R BVQ Q . -25.17 5.12 13.06
C8B BVQ Q . -22.99 6.24 14.93
O8R BVQ Q . -23.55 0.87 10.45
C9B BVQ Q . -22.48 6.03 16.19
C1 GOL R . -19.16 -11.83 4.90
O1 GOL R . -19.80 -10.64 5.30
C2 GOL R . -19.35 -12.91 5.96
O2 GOL R . -20.27 -12.52 6.98
C3 GOL R . -18.01 -13.14 6.64
O3 GOL R . -18.10 -12.62 7.95
C1 GOL S . 1.76 -9.90 7.03
O1 GOL S . 1.87 -11.15 6.38
C2 GOL S . 1.85 -10.11 8.52
O2 GOL S . 3.16 -10.50 8.88
C3 GOL S . 0.79 -11.16 8.91
O3 GOL S . 0.20 -10.84 10.16
C1 BEN T . -23.76 -16.78 14.21
C2 BEN T . -22.55 -16.84 14.88
C3 BEN T . -21.40 -16.27 14.32
C4 BEN T . -21.49 -15.64 13.08
C5 BEN T . -22.70 -15.57 12.41
C6 BEN T . -23.84 -16.14 12.98
C BEN T . -24.92 -17.35 14.76
N1 BEN T . -24.88 -18.42 15.57
N2 BEN T . -26.11 -16.84 14.48
CL9 4CH U . -18.65 -7.04 0.69
C4 4CH U . -18.35 -5.68 1.75
C5 4CH U . -18.25 -4.42 1.22
C6 4CH U . -18.06 -3.34 2.06
C1 4CH U . -17.96 -3.53 3.42
O7 4CH U . -17.89 -2.44 4.25
C2 4CH U . -18.03 -4.81 3.94
C3 4CH U . -18.22 -5.89 3.11
#